data_3HV0
#
_entry.id   3HV0
#
_cell.length_a   58.320
_cell.length_b   85.220
_cell.length_c   73.110
_cell.angle_alpha   90.000
_cell.angle_beta   101.910
_cell.angle_gamma   90.000
#
_symmetry.space_group_name_H-M   'P 1 21 1'
#
loop_
_entity.id
_entity.type
_entity.pdbx_description
1 polymer 'Tryptophanyl-tRNA synthetase'
2 non-polymer TRYPTOPHAN
3 water water
#
_entity_poly.entity_id   1
_entity_poly.type   'polypeptide(L)'
_entity_poly.pdbx_seq_one_letter_code
;GPGSMPWEVKADNAYGIDYNKLIDKFGCKLITKDMIERMERLTGQKAHHFFRRNIFLSHRDFEKILDVYEKGELFYLYTG
RGPSSESLHVGHLVPFLFTKYLQDTFKVPLVIQLTDDEKFIFKSNLTLEETHNYAYENMKDIIACGFDPELTFIFTNLEY
IAELYPDILRIEKKISCSQIKSIFGFKDSCNVGKFAFPAVQAAPAFSSSFPHIFGGRTDIHCLVPHAIDQDPYFRMVRDV
APRLGYLKPSSIHSIFLPSLQGSQTKMSASVQNSSIFVNDNEESIRNKIMKYAFSGGQATEEEQRRLGANLDVDVSWQYL
RFLMEDDEKLEEIGKKYSSGEMLSGEIKSILVQELVKLTKNHQKNREAINDDVIAKFTNKSREQLLKLFINKK
;
_entity_poly.pdbx_strand_id   A,B
#
# COMPACT_ATOMS: atom_id res chain seq x y z
N ASN A 20 -13.17 33.55 5.92
CA ASN A 20 -12.98 32.71 7.14
C ASN A 20 -14.29 32.10 7.61
N LYS A 21 -15.20 31.83 6.67
CA LYS A 21 -16.48 31.18 6.98
C LYS A 21 -16.39 29.69 6.68
N LEU A 22 -15.76 29.35 5.56
CA LEU A 22 -15.37 27.97 5.29
C LEU A 22 -14.46 27.43 6.39
N ILE A 23 -13.53 28.28 6.83
CA ILE A 23 -12.51 27.90 7.81
C ILE A 23 -13.17 27.48 9.13
N ASP A 24 -14.28 28.13 9.48
CA ASP A 24 -15.06 27.74 10.65
C ASP A 24 -15.88 26.49 10.36
N LYS A 25 -16.57 26.48 9.20
CA LYS A 25 -17.40 25.34 8.76
C LYS A 25 -16.68 24.01 8.80
N PHE A 26 -15.42 24.01 8.35
CA PHE A 26 -14.57 22.82 8.39
C PHE A 26 -14.40 22.33 9.83
N GLY A 27 -14.44 23.26 10.78
CA GLY A 27 -14.30 22.94 12.20
C GLY A 27 -12.98 23.41 12.79
N CYS A 28 -12.32 24.35 12.12
CA CYS A 28 -11.04 24.88 12.59
C CYS A 28 -11.27 25.96 13.62
N LYS A 29 -10.20 26.38 14.28
CA LYS A 29 -10.21 27.51 15.21
C LYS A 29 -9.15 28.50 14.74
N LEU A 30 -9.41 29.79 14.90
CA LEU A 30 -8.38 30.79 14.67
C LEU A 30 -7.43 30.85 15.85
N ILE A 31 -6.17 31.12 15.54
CA ILE A 31 -5.09 31.13 16.51
C ILE A 31 -5.21 32.43 17.30
N THR A 32 -5.27 32.32 18.62
CA THR A 32 -5.57 33.47 19.46
C THR A 32 -4.30 34.07 20.04
N LYS A 33 -4.34 35.36 20.34
CA LYS A 33 -3.21 36.02 20.98
C LYS A 33 -2.86 35.29 22.25
N ASP A 34 -3.87 34.93 23.04
CA ASP A 34 -3.67 34.11 24.22
C ASP A 34 -2.83 32.89 23.85
N MET A 35 -3.28 32.11 22.88
CA MET A 35 -2.51 30.95 22.44
C MET A 35 -1.07 31.31 22.08
N ILE A 36 -0.88 32.44 21.41
CA ILE A 36 0.46 32.84 20.93
C ILE A 36 1.32 33.32 22.08
N GLU A 37 0.75 34.19 22.91
CA GLU A 37 1.42 34.61 24.13
C GLU A 37 1.76 33.37 24.97
N ARG A 38 0.84 32.39 25.03
CA ARG A 38 1.00 31.21 25.90
C ARG A 38 2.24 30.44 25.52
N MET A 39 2.53 30.45 24.22
CA MET A 39 3.71 29.79 23.66
C MET A 39 5.02 30.52 23.97
N GLU A 40 5.12 31.78 23.56
CA GLU A 40 6.32 32.60 23.81
C GLU A 40 6.73 32.50 25.27
N ARG A 41 5.73 32.53 26.14
CA ARG A 41 5.89 32.35 27.60
C ARG A 41 6.64 31.04 27.90
N LEU A 42 6.25 30.00 27.16
CA LEU A 42 6.64 28.62 27.42
C LEU A 42 7.93 28.15 26.71
N THR A 43 8.48 28.96 25.81
CA THR A 43 9.72 28.58 25.11
C THR A 43 10.88 29.55 25.25
N GLY A 44 10.61 30.77 25.72
CA GLY A 44 11.64 31.81 25.86
C GLY A 44 12.02 32.41 24.53
N GLN A 45 11.29 32.07 23.48
CA GLN A 45 11.52 32.70 22.19
C GLN A 45 10.31 33.53 21.84
N LYS A 46 10.58 34.70 21.25
CA LYS A 46 9.55 35.56 20.69
C LYS A 46 8.92 34.81 19.50
N ALA A 47 7.67 35.14 19.19
CA ALA A 47 6.88 34.32 18.25
C ALA A 47 7.31 34.57 16.83
N HIS A 48 7.33 33.50 16.05
CA HIS A 48 7.61 33.63 14.65
C HIS A 48 6.56 34.54 14.03
N HIS A 49 6.99 35.39 13.10
CA HIS A 49 6.08 36.35 12.49
C HIS A 49 4.92 35.73 11.68
N PHE A 50 5.00 34.48 11.20
CA PHE A 50 3.82 33.88 10.55
C PHE A 50 2.61 33.83 11.49
N PHE A 51 2.84 33.99 12.78
CA PHE A 51 1.76 34.05 13.72
C PHE A 51 1.15 35.44 13.67
N ARG A 52 1.96 36.46 13.96
CA ARG A 52 1.54 37.86 13.96
C ARG A 52 0.81 38.27 12.68
N ARG A 53 1.29 37.81 11.54
CA ARG A 53 0.74 38.25 10.25
C ARG A 53 -0.44 37.37 9.80
N ASN A 54 -0.83 36.41 10.64
CA ASN A 54 -1.91 35.44 10.32
C ASN A 54 -1.70 34.65 9.02
N ILE A 55 -0.45 34.23 8.82
CA ILE A 55 -0.07 33.39 7.69
C ILE A 55 -0.36 31.95 8.11
N PHE A 56 0.05 31.60 9.32
CA PHE A 56 -0.50 30.45 10.02
C PHE A 56 -1.59 31.03 10.91
N LEU A 57 -2.83 30.85 10.48
CA LEU A 57 -3.98 31.51 11.12
C LEU A 57 -4.90 30.56 11.89
N SER A 58 -4.72 29.26 11.69
CA SER A 58 -5.74 28.28 12.02
C SER A 58 -5.14 27.05 12.68
N HIS A 59 -5.94 26.33 13.47
CA HIS A 59 -5.47 25.10 14.13
C HIS A 59 -6.59 24.12 14.52
N ARG A 60 -6.18 22.89 14.79
CA ARG A 60 -6.99 21.90 15.51
C ARG A 60 -6.16 21.36 16.67
N ASP A 61 -6.64 21.58 17.89
CA ASP A 61 -6.03 21.07 19.11
C ASP A 61 -4.55 21.39 19.23
N PHE A 62 -4.13 22.54 18.71
CA PHE A 62 -2.82 23.08 18.99
C PHE A 62 -2.69 23.39 20.49
N GLU A 63 -3.78 23.75 21.14
CA GLU A 63 -3.74 23.97 22.61
C GLU A 63 -3.38 22.68 23.37
N LYS A 64 -3.69 21.52 22.80
CA LYS A 64 -3.24 20.25 23.38
C LYS A 64 -1.71 20.12 23.38
N ILE A 65 -1.06 20.57 22.31
CA ILE A 65 0.42 20.50 22.24
C ILE A 65 1.10 21.33 23.35
N LEU A 66 0.58 22.53 23.57
CA LEU A 66 1.11 23.41 24.58
C LEU A 66 0.83 22.82 25.97
N ASP A 67 -0.33 22.16 26.11
CA ASP A 67 -0.67 21.48 27.38
C ASP A 67 0.42 20.45 27.67
N VAL A 68 0.70 19.65 26.65
CA VAL A 68 1.70 18.58 26.72
C VAL A 68 3.09 19.12 27.00
N TYR A 69 3.47 20.19 26.29
CA TYR A 69 4.80 20.77 26.48
C TYR A 69 4.88 21.47 27.85
N GLU A 70 3.74 21.98 28.32
CA GLU A 70 3.63 22.54 29.68
C GLU A 70 4.00 21.52 30.74
N LYS A 71 3.68 20.25 30.48
CA LYS A 71 3.85 19.16 31.44
C LYS A 71 5.25 18.52 31.41
N GLY A 72 6.16 19.07 30.62
CA GLY A 72 7.47 18.46 30.40
C GLY A 72 7.51 17.30 29.40
N GLU A 73 6.39 17.00 28.76
CA GLU A 73 6.33 15.84 27.82
C GLU A 73 6.73 16.23 26.41
N LEU A 74 7.34 15.30 25.68
CA LEU A 74 7.72 15.54 24.29
C LEU A 74 6.59 15.14 23.35
N PHE A 75 6.67 15.67 22.13
CA PHE A 75 5.76 15.35 21.04
C PHE A 75 6.61 15.39 19.76
N TYR A 76 5.98 15.24 18.61
CA TYR A 76 6.69 15.33 17.32
C TYR A 76 5.95 16.09 16.25
N LEU A 77 6.71 16.58 15.27
CA LEU A 77 6.17 17.33 14.14
C LEU A 77 6.08 16.40 12.94
N TYR A 78 5.08 16.60 12.10
CA TYR A 78 4.98 15.88 10.83
C TYR A 78 4.51 16.86 9.76
N THR A 79 5.33 17.00 8.72
CA THR A 79 4.96 17.78 7.57
C THR A 79 5.37 17.02 6.31
N GLY A 80 4.99 17.51 5.15
CA GLY A 80 5.28 16.78 3.89
C GLY A 80 5.35 17.63 2.65
N ARG A 81 5.65 16.95 1.52
CA ARG A 81 5.88 17.59 0.24
C ARG A 81 5.56 16.59 -0.91
N GLY A 82 4.85 17.03 -1.92
CA GLY A 82 4.58 16.21 -3.10
C GLY A 82 5.49 16.58 -4.25
N PRO A 83 6.46 15.71 -4.61
CA PRO A 83 7.42 16.01 -5.65
C PRO A 83 6.86 15.95 -7.09
N SER A 84 6.16 16.99 -7.51
CA SER A 84 5.70 17.11 -8.89
C SER A 84 6.64 17.94 -9.74
N SER A 85 7.64 18.55 -9.12
CA SER A 85 8.64 19.37 -9.83
C SER A 85 9.98 19.12 -9.17
N GLU A 86 11.04 19.35 -9.93
CA GLU A 86 12.40 19.08 -9.46
C GLU A 86 12.82 20.04 -8.36
N SER A 87 12.30 21.28 -8.40
CA SER A 87 12.58 22.26 -7.35
C SER A 87 11.32 22.73 -6.63
N LEU A 88 11.47 23.10 -5.37
CA LEU A 88 10.37 23.64 -4.59
C LEU A 88 10.08 25.08 -4.99
N HIS A 89 8.79 25.46 -5.04
CA HIS A 89 8.42 26.87 -5.20
C HIS A 89 8.78 27.56 -3.89
N VAL A 90 8.88 28.88 -3.93
CA VAL A 90 9.13 29.62 -2.70
C VAL A 90 7.91 29.54 -1.77
N GLY A 91 6.72 29.31 -2.36
CA GLY A 91 5.49 29.16 -1.60
C GLY A 91 5.56 27.95 -0.71
N HIS A 92 6.19 26.90 -1.24
CA HIS A 92 6.37 25.64 -0.51
C HIS A 92 7.33 25.73 0.64
N LEU A 93 8.11 26.81 0.71
CA LEU A 93 8.99 27.01 1.85
C LEU A 93 8.26 27.57 3.07
N VAL A 94 7.03 28.02 2.89
CA VAL A 94 6.26 28.60 3.98
C VAL A 94 6.02 27.56 5.11
N PRO A 95 5.49 26.38 4.77
CA PRO A 95 5.36 25.44 5.88
C PRO A 95 6.70 24.92 6.43
N PHE A 96 7.70 24.75 5.56
CA PHE A 96 9.01 24.22 5.96
C PHE A 96 9.80 25.19 6.86
N LEU A 97 9.87 26.46 6.46
CA LEU A 97 10.48 27.50 7.29
C LEU A 97 9.80 27.61 8.66
N PHE A 98 8.48 27.47 8.68
CA PHE A 98 7.72 27.52 9.93
C PHE A 98 8.00 26.32 10.86
N THR A 99 8.05 25.13 10.29
CA THR A 99 8.42 23.93 11.03
C THR A 99 9.84 23.96 11.63
N LYS A 100 10.79 24.54 10.92
CA LYS A 100 12.15 24.68 11.45
C LYS A 100 12.06 25.53 12.71
N TYR A 101 11.32 26.62 12.62
CA TYR A 101 11.13 27.50 13.77
C TYR A 101 10.50 26.71 14.93
N LEU A 102 9.51 25.88 14.61
CA LEU A 102 8.88 25.07 15.64
C LEU A 102 9.85 24.03 16.22
N GLN A 103 10.73 23.51 15.38
CA GLN A 103 11.72 22.54 15.81
C GLN A 103 12.75 23.21 16.69
N ASP A 104 13.14 24.43 16.35
CA ASP A 104 14.12 25.17 17.12
C ASP A 104 13.52 25.60 18.46
N THR A 105 12.22 25.89 18.45
CA THR A 105 11.56 26.48 19.61
C THR A 105 11.21 25.40 20.61
N PHE A 106 10.64 24.29 20.13
CA PHE A 106 10.24 23.18 21.02
C PHE A 106 11.32 22.13 21.21
N LYS A 107 12.29 22.08 20.29
CA LYS A 107 13.39 21.13 20.32
C LYS A 107 12.85 19.68 20.21
N VAL A 108 11.93 19.46 19.28
CA VAL A 108 11.28 18.16 19.21
C VAL A 108 11.68 17.45 17.93
N PRO A 109 11.48 16.13 17.86
CA PRO A 109 11.74 15.37 16.64
C PRO A 109 10.81 15.78 15.55
N LEU A 110 11.26 15.63 14.29
CA LEU A 110 10.45 15.94 13.10
C LEU A 110 10.53 14.80 12.12
N VAL A 111 9.45 14.64 11.36
CA VAL A 111 9.25 13.55 10.44
C VAL A 111 8.69 14.15 9.14
N ILE A 112 9.29 13.88 7.97
CA ILE A 112 8.93 14.54 6.71
C ILE A 112 8.69 13.52 5.55
N GLN A 113 7.50 13.54 4.93
CA GLN A 113 7.11 12.55 3.93
C GLN A 113 7.16 13.10 2.49
N LEU A 114 8.00 12.50 1.66
CA LEU A 114 7.99 12.88 0.26
C LEU A 114 7.08 11.91 -0.49
N THR A 115 5.97 12.41 -1.01
CA THR A 115 4.92 11.55 -1.53
C THR A 115 5.12 11.21 -3.01
N ASP A 116 6.19 10.50 -3.34
CA ASP A 116 6.40 10.12 -4.75
C ASP A 116 5.30 9.21 -5.32
N ASP A 117 4.66 8.41 -4.47
CA ASP A 117 3.48 7.63 -4.83
C ASP A 117 2.27 8.48 -5.23
N GLU A 118 1.96 9.52 -4.46
CA GLU A 118 0.77 10.36 -4.68
C GLU A 118 0.76 11.01 -6.07
N LYS A 119 1.88 11.59 -6.46
CA LYS A 119 1.97 12.48 -7.62
C LYS A 119 2.07 11.69 -8.89
N PHE A 120 2.70 10.53 -8.80
CA PHE A 120 2.54 9.55 -9.85
C PHE A 120 1.07 9.15 -10.00
N ILE A 121 0.34 9.06 -8.87
CA ILE A 121 -1.04 8.61 -8.93
C ILE A 121 -2.00 9.66 -9.50
N PHE A 122 -1.84 10.90 -9.05
CA PHE A 122 -2.78 11.99 -9.33
C PHE A 122 -2.47 12.82 -10.55
N LYS A 123 -1.31 12.58 -11.18
CA LYS A 123 -0.85 13.38 -12.32
C LYS A 123 -0.47 12.50 -13.50
N SER A 124 -1.43 12.32 -14.42
CA SER A 124 -1.28 11.45 -15.60
C SER A 124 0.08 11.57 -16.32
N ASN A 125 0.60 12.79 -16.35
CA ASN A 125 1.87 13.11 -17.02
C ASN A 125 3.10 12.84 -16.13
N LEU A 126 3.04 11.81 -15.29
CA LEU A 126 4.16 11.49 -14.41
C LEU A 126 4.44 9.99 -14.32
N THR A 127 5.68 9.67 -13.97
CA THR A 127 6.13 8.31 -13.73
C THR A 127 6.85 8.24 -12.38
N LEU A 128 7.04 7.03 -11.88
CA LEU A 128 7.63 6.85 -10.57
C LEU A 128 9.11 7.13 -10.62
N GLU A 129 9.73 6.86 -11.76
CA GLU A 129 11.15 7.20 -11.95
C GLU A 129 11.38 8.71 -11.77
N GLU A 130 10.54 9.52 -12.39
CA GLU A 130 10.66 10.97 -12.30
C GLU A 130 10.32 11.48 -10.91
N THR A 131 9.25 10.93 -10.34
CA THR A 131 8.78 11.30 -9.03
C THR A 131 9.78 10.94 -7.94
N HIS A 132 10.48 9.84 -8.15
CA HIS A 132 11.46 9.37 -7.18
C HIS A 132 12.66 10.30 -7.22
N ASN A 133 13.17 10.60 -8.43
CA ASN A 133 14.26 11.56 -8.59
C ASN A 133 13.91 12.97 -8.09
N TYR A 134 12.69 13.42 -8.42
CA TYR A 134 12.23 14.73 -8.01
C TYR A 134 12.15 14.77 -6.49
N ALA A 135 11.80 13.63 -5.89
CA ALA A 135 11.81 13.48 -4.45
C ALA A 135 13.18 13.75 -3.87
N TYR A 136 14.21 13.15 -4.45
CA TYR A 136 15.56 13.28 -3.88
C TYR A 136 16.14 14.68 -4.02
N GLU A 137 15.85 15.33 -5.13
CA GLU A 137 16.29 16.71 -5.30
C GLU A 137 15.55 17.61 -4.33
N ASN A 138 14.23 17.39 -4.23
CA ASN A 138 13.40 18.09 -3.24
C ASN A 138 13.92 17.98 -1.80
N MET A 139 14.44 16.81 -1.41
CA MET A 139 15.05 16.64 -0.08
C MET A 139 16.18 17.62 0.17
N LYS A 140 17.00 17.85 -0.85
CA LYS A 140 18.09 18.81 -0.75
C LYS A 140 17.58 20.22 -0.45
N ASP A 141 16.53 20.63 -1.15
CA ASP A 141 15.90 21.91 -0.88
C ASP A 141 15.35 21.91 0.54
N ILE A 142 14.80 20.76 0.96
CA ILE A 142 14.20 20.68 2.29
C ILE A 142 15.30 20.79 3.35
N ILE A 143 16.38 20.03 3.19
CA ILE A 143 17.50 20.07 4.14
C ILE A 143 18.17 21.45 4.16
N ALA A 144 18.14 22.12 3.02
CA ALA A 144 18.71 23.48 2.91
C ALA A 144 18.01 24.53 3.80
N CYS A 145 16.88 24.19 4.41
CA CYS A 145 16.22 25.10 5.37
C CYS A 145 16.85 25.08 6.77
N GLY A 146 17.84 24.21 6.97
CA GLY A 146 18.60 24.19 8.22
C GLY A 146 18.03 23.32 9.33
N PHE A 147 17.33 22.25 8.97
CA PHE A 147 16.83 21.29 9.96
C PHE A 147 18.00 20.56 10.60
N ASP A 148 17.81 20.13 11.85
CA ASP A 148 18.83 19.37 12.58
C ASP A 148 18.67 17.90 12.23
N PRO A 149 19.72 17.24 11.71
CA PRO A 149 19.65 15.82 11.36
C PRO A 149 19.49 14.89 12.57
N GLU A 150 19.96 15.32 13.74
CA GLU A 150 19.75 14.57 14.97
C GLU A 150 18.28 14.60 15.43
N LEU A 151 17.49 15.52 14.88
CA LEU A 151 16.07 15.62 15.24
C LEU A 151 15.13 15.40 14.08
N THR A 152 15.66 15.11 12.88
CA THR A 152 14.81 15.07 11.69
C THR A 152 14.96 13.78 10.93
N PHE A 153 13.82 13.18 10.57
CA PHE A 153 13.78 11.97 9.75
C PHE A 153 12.98 12.25 8.48
N ILE A 154 13.65 12.17 7.35
CA ILE A 154 13.01 12.41 6.05
C ILE A 154 12.94 11.08 5.31
N PHE A 155 11.90 10.90 4.50
CA PHE A 155 11.71 9.65 3.78
C PHE A 155 10.75 9.79 2.61
N THR A 156 10.94 8.93 1.60
CA THR A 156 9.98 8.82 0.51
C THR A 156 9.05 7.65 0.77
N ASN A 157 7.81 7.76 0.30
CA ASN A 157 6.88 6.67 0.46
C ASN A 157 7.35 5.38 -0.22
N LEU A 158 8.02 5.49 -1.36
CA LEU A 158 8.49 4.27 -2.02
C LEU A 158 9.51 3.51 -1.15
N GLU A 159 10.19 4.23 -0.27
CA GLU A 159 11.23 3.59 0.51
C GLU A 159 10.84 3.20 1.91
N TYR A 160 9.79 3.83 2.45
CA TYR A 160 9.36 3.63 3.85
C TYR A 160 7.98 3.02 3.94
N ILE A 161 7.42 2.59 2.81
CA ILE A 161 6.05 2.11 2.75
C ILE A 161 5.77 0.94 3.71
N ALA A 162 6.73 0.04 3.84
CA ALA A 162 6.57 -1.14 4.67
C ALA A 162 6.41 -0.80 6.11
N GLU A 163 7.17 0.19 6.59
CA GLU A 163 6.98 0.68 7.96
C GLU A 163 5.61 1.34 8.14
N LEU A 164 5.08 1.99 7.11
CA LEU A 164 3.74 2.59 7.20
C LEU A 164 2.58 1.60 6.99
N TYR A 165 2.87 0.48 6.33
CA TYR A 165 1.80 -0.39 5.87
C TYR A 165 0.86 -0.84 6.99
N PRO A 166 1.36 -1.17 8.18
CA PRO A 166 0.41 -1.63 9.20
C PRO A 166 -0.62 -0.59 9.58
N ASP A 167 -0.22 0.66 9.73
CA ASP A 167 -1.14 1.73 10.07
C ASP A 167 -1.97 2.13 8.86
N ILE A 168 -1.42 2.03 7.66
CA ILE A 168 -2.22 2.27 6.45
C ILE A 168 -3.40 1.31 6.45
N LEU A 169 -3.12 0.05 6.68
CA LEU A 169 -4.14 -1.00 6.67
C LEU A 169 -5.21 -0.81 7.76
N ARG A 170 -4.76 -0.38 8.95
CA ARG A 170 -5.65 -0.12 10.08
C ARG A 170 -6.58 1.07 9.86
N ILE A 171 -6.07 2.11 9.22
CA ILE A 171 -6.90 3.25 8.80
C ILE A 171 -7.89 2.84 7.70
N GLU A 172 -7.43 2.05 6.74
CA GLU A 172 -8.27 1.68 5.59
C GLU A 172 -9.46 0.84 5.99
N LYS A 173 -9.26 -0.03 6.97
CA LYS A 173 -10.32 -0.93 7.44
C LYS A 173 -11.45 -0.16 8.14
N LYS A 174 -11.14 1.03 8.63
CA LYS A 174 -12.09 1.86 9.36
C LYS A 174 -12.78 2.92 8.50
N ILE A 175 -12.36 3.11 7.26
CA ILE A 175 -13.01 4.09 6.38
C ILE A 175 -13.72 3.46 5.18
N SER A 176 -14.96 3.87 4.96
CA SER A 176 -15.73 3.41 3.81
C SER A 176 -15.24 4.12 2.55
N CYS A 177 -15.41 3.47 1.42
CA CYS A 177 -15.15 4.09 0.13
C CYS A 177 -16.00 5.34 -0.01
N SER A 178 -17.24 5.29 0.46
CA SER A 178 -18.16 6.42 0.40
C SER A 178 -17.67 7.58 1.25
N GLN A 179 -17.02 7.28 2.38
CA GLN A 179 -16.42 8.33 3.21
C GLN A 179 -15.27 9.05 2.47
N ILE A 180 -14.47 8.30 1.72
CA ILE A 180 -13.46 8.93 0.88
C ILE A 180 -14.08 9.88 -0.13
N LYS A 181 -15.08 9.40 -0.87
CA LYS A 181 -15.78 10.26 -1.84
C LYS A 181 -16.25 11.55 -1.18
N SER A 182 -16.93 11.39 -0.05
CA SER A 182 -17.49 12.50 0.70
C SER A 182 -16.42 13.53 1.11
N ILE A 183 -15.23 13.06 1.48
CA ILE A 183 -14.18 13.92 2.06
C ILE A 183 -13.27 14.57 1.00
N PHE A 184 -12.86 13.79 0.01
CA PHE A 184 -11.96 14.26 -1.05
C PHE A 184 -12.68 14.58 -2.35
N GLY A 185 -13.94 14.24 -2.43
CA GLY A 185 -14.74 14.55 -3.62
C GLY A 185 -14.41 13.71 -4.85
N PHE A 186 -13.84 12.52 -4.65
CA PHE A 186 -13.54 11.65 -5.78
C PHE A 186 -14.85 11.11 -6.37
N LYS A 187 -14.74 10.42 -7.50
CA LYS A 187 -15.92 9.86 -8.18
C LYS A 187 -15.58 8.43 -8.58
N ASP A 188 -16.60 7.67 -8.97
CA ASP A 188 -16.37 6.28 -9.37
C ASP A 188 -15.41 6.16 -10.55
N SER A 189 -15.41 7.19 -11.38
CA SER A 189 -14.55 7.25 -12.55
C SER A 189 -13.06 7.42 -12.17
N CYS A 190 -12.80 7.94 -10.98
CA CYS A 190 -11.43 8.10 -10.51
C CYS A 190 -10.74 6.75 -10.32
N ASN A 191 -9.41 6.75 -10.54
CA ASN A 191 -8.61 5.53 -10.45
C ASN A 191 -8.48 5.15 -8.98
N VAL A 192 -8.40 3.85 -8.71
CA VAL A 192 -8.45 3.33 -7.35
C VAL A 192 -7.23 3.74 -6.51
N GLY A 193 -6.12 4.06 -7.17
CA GLY A 193 -4.99 4.65 -6.50
C GLY A 193 -5.31 5.91 -5.72
N LYS A 194 -6.24 6.72 -6.23
CA LYS A 194 -6.63 7.97 -5.57
C LYS A 194 -7.36 7.68 -4.27
N PHE A 195 -8.21 6.66 -4.29
CA PHE A 195 -8.89 6.20 -3.08
C PHE A 195 -7.94 5.64 -2.04
N ALA A 196 -6.85 4.98 -2.48
CA ALA A 196 -5.92 4.28 -1.56
C ALA A 196 -4.87 5.18 -0.89
N PHE A 197 -4.66 6.41 -1.38
CA PHE A 197 -3.56 7.24 -0.92
C PHE A 197 -3.79 8.00 0.40
N PRO A 198 -5.01 8.48 0.67
CA PRO A 198 -5.20 9.22 1.90
C PRO A 198 -4.65 8.54 3.16
N ALA A 199 -4.84 7.22 3.27
CA ALA A 199 -4.29 6.48 4.42
C ALA A 199 -2.77 6.59 4.48
N VAL A 200 -2.12 6.59 3.32
CA VAL A 200 -0.65 6.75 3.26
C VAL A 200 -0.20 8.08 3.84
N GLN A 201 -0.96 9.13 3.58
CA GLN A 201 -0.63 10.45 4.14
C GLN A 201 -1.03 10.60 5.58
N ALA A 202 -2.11 9.93 5.96
CA ALA A 202 -2.58 9.93 7.34
C ALA A 202 -1.57 9.26 8.28
N ALA A 203 -1.03 8.11 7.86
CA ALA A 203 -0.31 7.19 8.73
C ALA A 203 0.86 7.79 9.55
N PRO A 204 1.61 8.75 8.99
CA PRO A 204 2.68 9.32 9.80
C PRO A 204 2.20 10.23 10.93
N ALA A 205 0.93 10.62 10.94
CA ALA A 205 0.41 11.39 12.11
C ALA A 205 0.21 10.50 13.36
N PHE A 206 0.55 9.21 13.28
CA PHE A 206 0.52 8.34 14.46
C PHE A 206 1.91 7.83 14.77
N SER A 207 2.28 7.87 16.04
CA SER A 207 3.62 7.54 16.49
C SER A 207 3.96 6.08 16.29
N SER A 208 2.95 5.22 16.30
CA SER A 208 3.16 3.82 15.98
C SER A 208 3.93 3.70 14.64
N SER A 209 3.68 4.59 13.69
CA SER A 209 4.28 4.46 12.34
C SER A 209 5.79 4.72 12.28
N PHE A 210 6.39 5.01 13.44
CA PHE A 210 7.84 5.22 13.54
C PHE A 210 8.37 4.46 14.74
N PRO A 211 8.36 3.11 14.65
CA PRO A 211 8.89 2.29 15.75
C PRO A 211 10.36 2.59 16.12
N HIS A 212 11.18 2.98 15.14
CA HIS A 212 12.62 3.18 15.37
C HIS A 212 12.98 4.52 15.97
N ILE A 213 12.00 5.39 16.24
CA ILE A 213 12.24 6.53 17.15
C ILE A 213 11.41 6.50 18.43
N PHE A 214 10.13 6.14 18.31
CA PHE A 214 9.23 6.20 19.49
C PHE A 214 9.09 4.88 20.22
N GLY A 215 9.60 3.81 19.60
CA GLY A 215 9.72 2.52 20.27
C GLY A 215 8.45 1.72 20.34
N GLY A 216 7.48 1.99 19.50
CA GLY A 216 6.21 1.24 19.51
C GLY A 216 5.12 1.93 20.31
N ARG A 217 5.52 2.86 21.18
CA ARG A 217 4.61 3.75 21.90
C ARG A 217 3.53 4.36 21.02
N THR A 218 2.33 4.49 21.57
CA THR A 218 1.18 5.03 20.85
C THR A 218 0.71 6.29 21.53
N ASP A 219 1.49 6.78 22.50
CA ASP A 219 1.07 7.88 23.34
C ASP A 219 1.94 9.14 23.19
N ILE A 220 2.47 9.34 22.00
CA ILE A 220 3.27 10.52 21.65
C ILE A 220 2.45 11.37 20.69
N HIS A 221 2.09 12.57 21.13
CA HIS A 221 1.25 13.44 20.34
C HIS A 221 2.00 13.90 19.11
N CYS A 222 1.26 14.10 18.03
CA CYS A 222 1.83 14.55 16.78
C CYS A 222 1.23 15.91 16.44
N LEU A 223 2.05 16.83 15.97
CA LEU A 223 1.58 18.13 15.49
C LEU A 223 1.93 18.26 14.05
N VAL A 224 0.95 18.64 13.25
CA VAL A 224 1.06 18.64 11.78
C VAL A 224 0.82 20.02 11.21
N PRO A 225 1.92 20.72 10.86
CA PRO A 225 1.88 21.96 10.05
C PRO A 225 1.51 21.68 8.61
N HIS A 226 0.56 22.41 8.07
CA HIS A 226 0.20 22.21 6.66
C HIS A 226 -0.53 23.40 6.04
N ALA A 227 -0.44 23.52 4.72
CA ALA A 227 -1.29 24.46 4.00
C ALA A 227 -2.72 24.04 4.26
N ILE A 228 -3.62 24.99 4.36
CA ILE A 228 -4.99 24.69 4.76
C ILE A 228 -5.65 23.68 3.83
N ASP A 229 -5.20 23.60 2.59
CA ASP A 229 -5.83 22.70 1.62
C ASP A 229 -5.53 21.23 1.88
N GLN A 230 -4.58 20.94 2.76
CA GLN A 230 -4.28 19.55 3.13
C GLN A 230 -5.19 19.05 4.27
N ASP A 231 -5.93 19.96 4.90
CA ASP A 231 -6.81 19.63 6.01
C ASP A 231 -7.65 18.34 5.93
N PRO A 232 -8.24 18.02 4.75
CA PRO A 232 -9.06 16.80 4.57
C PRO A 232 -8.43 15.51 5.05
N TYR A 233 -7.14 15.31 4.78
CA TYR A 233 -6.45 14.09 5.23
C TYR A 233 -6.45 13.97 6.74
N PHE A 234 -6.31 15.10 7.44
CA PHE A 234 -6.15 15.10 8.88
C PHE A 234 -7.48 15.32 9.61
N ARG A 235 -8.51 15.74 8.87
CA ARG A 235 -9.87 15.64 9.37
C ARG A 235 -10.20 14.16 9.48
N MET A 236 -9.92 13.42 8.41
CA MET A 236 -10.20 11.98 8.33
C MET A 236 -9.47 11.18 9.43
N VAL A 237 -8.17 11.38 9.53
CA VAL A 237 -7.36 10.66 10.51
C VAL A 237 -7.73 11.01 11.96
N ARG A 238 -8.20 12.22 12.22
CA ARG A 238 -8.69 12.57 13.57
C ARG A 238 -9.99 11.82 13.92
N ASP A 239 -10.77 11.50 12.91
CA ASP A 239 -11.97 10.73 13.11
C ASP A 239 -11.66 9.25 13.35
N VAL A 240 -10.59 8.72 12.77
CA VAL A 240 -10.28 7.28 12.97
C VAL A 240 -9.41 7.00 14.21
N ALA A 241 -8.62 7.98 14.63
CA ALA A 241 -7.76 7.85 15.83
C ALA A 241 -8.38 7.09 17.01
N PRO A 242 -9.55 7.55 17.50
CA PRO A 242 -10.09 6.85 18.67
C PRO A 242 -10.40 5.40 18.37
N ARG A 243 -11.00 5.12 17.22
CA ARG A 243 -11.33 3.74 16.84
C ARG A 243 -10.13 2.79 16.70
N LEU A 244 -8.92 3.33 16.68
CA LEU A 244 -7.69 2.54 16.66
C LEU A 244 -6.99 2.60 18.02
N GLY A 245 -7.57 3.35 18.96
CA GLY A 245 -6.94 3.57 20.25
C GLY A 245 -5.70 4.42 20.19
N TYR A 246 -5.67 5.33 19.21
CA TYR A 246 -4.54 6.21 18.93
C TYR A 246 -4.92 7.66 19.29
N LEU A 247 -3.90 8.50 19.52
CA LEU A 247 -4.12 9.93 19.75
C LEU A 247 -4.51 10.63 18.46
N LYS A 248 -5.40 11.60 18.58
CA LYS A 248 -5.74 12.50 17.48
C LYS A 248 -4.55 13.42 17.25
N PRO A 249 -4.07 13.52 16.00
CA PRO A 249 -2.99 14.47 15.73
C PRO A 249 -3.54 15.90 15.73
N SER A 250 -2.73 16.83 16.18
CA SER A 250 -3.06 18.25 16.12
C SER A 250 -2.49 18.87 14.86
N SER A 251 -3.03 20.00 14.45
CA SER A 251 -2.52 20.68 13.30
C SER A 251 -2.54 22.19 13.45
N ILE A 252 -1.66 22.85 12.70
CA ILE A 252 -1.60 24.29 12.59
C ILE A 252 -1.46 24.61 11.10
N HIS A 253 -2.32 25.50 10.58
CA HIS A 253 -2.56 25.59 9.15
C HIS A 253 -2.19 26.93 8.58
N SER A 254 -1.57 26.92 7.40
CA SER A 254 -1.16 28.18 6.73
C SER A 254 -1.97 28.53 5.48
N ILE A 255 -1.99 29.82 5.20
CA ILE A 255 -2.63 30.37 4.01
C ILE A 255 -1.57 30.33 2.90
N PHE A 256 -2.00 30.00 1.68
CA PHE A 256 -1.05 29.76 0.58
C PHE A 256 -0.49 31.07 0.01
N LEU A 257 0.76 31.01 -0.42
CA LEU A 257 1.44 32.17 -0.99
C LEU A 257 0.73 32.53 -2.29
N PRO A 258 0.22 33.78 -2.40
CA PRO A 258 -0.75 34.14 -3.43
C PRO A 258 -0.27 33.78 -4.83
N SER A 259 -1.08 33.01 -5.55
CA SER A 259 -0.65 32.44 -6.83
C SER A 259 -0.80 33.47 -7.96
N ASN A 273 3.32 27.10 -16.64
CA ASN A 273 2.87 27.26 -15.26
C ASN A 273 4.02 27.66 -14.32
N SER A 274 4.69 28.76 -14.69
CA SER A 274 5.90 29.20 -14.00
C SER A 274 5.65 30.13 -12.82
N SER A 275 6.02 29.67 -11.63
CA SER A 275 6.14 30.51 -10.45
C SER A 275 7.57 30.45 -9.92
N ILE A 276 7.83 31.17 -8.83
CA ILE A 276 9.20 31.40 -8.35
C ILE A 276 9.82 30.13 -7.68
N PHE A 277 10.83 29.54 -8.29
CA PHE A 277 11.51 28.39 -7.68
C PHE A 277 12.74 28.82 -6.87
N VAL A 278 13.09 28.02 -5.86
CA VAL A 278 14.25 28.35 -5.02
C VAL A 278 15.59 28.29 -5.77
N ASN A 279 15.63 27.60 -6.92
CA ASN A 279 16.84 27.58 -7.76
C ASN A 279 16.79 28.54 -8.95
N ASP A 280 15.87 29.50 -8.92
CA ASP A 280 15.81 30.54 -9.97
C ASP A 280 16.93 31.57 -9.77
N ASN A 281 17.55 31.97 -10.87
CA ASN A 281 18.53 33.05 -10.84
C ASN A 281 17.82 34.41 -10.79
N GLU A 282 18.59 35.46 -10.56
CA GLU A 282 18.07 36.83 -10.47
C GLU A 282 17.21 37.22 -11.68
N GLU A 283 17.64 36.86 -12.87
CA GLU A 283 16.93 37.26 -14.09
C GLU A 283 15.58 36.55 -14.20
N SER A 284 15.56 35.26 -13.94
CA SER A 284 14.30 34.50 -13.88
C SER A 284 13.29 35.13 -12.91
N ILE A 285 13.78 35.49 -11.72
CA ILE A 285 12.97 36.10 -10.69
C ILE A 285 12.36 37.44 -11.16
N ARG A 286 13.22 38.35 -11.64
CA ARG A 286 12.75 39.67 -12.11
C ARG A 286 11.75 39.51 -13.25
N ASN A 287 12.04 38.58 -14.14
CA ASN A 287 11.17 38.26 -15.27
C ASN A 287 9.75 37.83 -14.86
N LYS A 288 9.65 37.03 -13.81
CA LYS A 288 8.37 36.49 -13.37
C LYS A 288 7.50 37.52 -12.64
N ILE A 289 8.05 38.27 -11.68
CA ILE A 289 7.22 39.27 -10.96
C ILE A 289 6.63 40.27 -11.94
N MET A 290 7.52 40.77 -12.81
CA MET A 290 7.17 41.89 -13.69
C MET A 290 6.07 41.50 -14.67
N LYS A 291 6.09 40.24 -15.11
CA LYS A 291 5.16 39.75 -16.13
C LYS A 291 3.94 39.04 -15.54
N TYR A 292 4.16 38.18 -14.55
CA TYR A 292 3.10 37.28 -14.05
C TYR A 292 2.51 37.68 -12.68
N ALA A 293 3.13 38.65 -12.01
CA ALA A 293 2.69 39.06 -10.67
C ALA A 293 1.57 40.08 -10.78
N PHE A 294 0.36 39.67 -10.42
CA PHE A 294 -0.81 40.55 -10.54
C PHE A 294 -0.67 41.79 -9.65
N SER A 295 -0.72 42.97 -10.27
CA SER A 295 -0.60 44.24 -9.56
C SER A 295 -1.97 44.71 -9.08
N GLY A 296 -1.98 45.44 -7.97
CA GLY A 296 -3.18 46.10 -7.46
C GLY A 296 -3.20 47.60 -7.77
N GLY A 297 -2.11 48.10 -8.39
CA GLY A 297 -2.00 49.50 -8.76
C GLY A 297 -2.80 49.80 -10.01
N GLN A 298 -3.06 51.09 -10.25
CA GLN A 298 -3.86 51.53 -11.38
C GLN A 298 -3.08 51.31 -12.67
N ALA A 299 -3.81 51.08 -13.77
CA ALA A 299 -3.20 50.75 -15.06
C ALA A 299 -2.07 51.71 -15.40
N THR A 300 -2.42 52.99 -15.59
CA THR A 300 -1.43 54.06 -15.77
C THR A 300 -1.14 54.70 -14.41
N GLU A 301 -0.28 55.72 -14.38
CA GLU A 301 -0.04 56.47 -13.14
C GLU A 301 -1.19 57.46 -12.85
N GLU A 302 -2.35 56.88 -12.53
CA GLU A 302 -3.41 57.58 -11.84
C GLU A 302 -3.25 57.17 -10.38
N GLU A 303 -2.14 57.61 -9.79
CA GLU A 303 -1.84 57.37 -8.39
C GLU A 303 -1.35 58.68 -7.76
N GLN A 304 -2.31 59.46 -7.27
CA GLN A 304 -2.01 60.71 -6.58
C GLN A 304 -1.80 60.42 -5.09
N GLY A 308 -4.21 55.78 -5.71
CA GLY A 308 -3.57 54.75 -4.90
C GLY A 308 -3.74 53.33 -5.41
N ALA A 309 -3.31 52.37 -4.59
CA ALA A 309 -3.30 50.94 -4.95
C ALA A 309 -4.11 50.07 -3.97
N ASN A 310 -4.55 48.90 -4.46
CA ASN A 310 -5.33 47.93 -3.69
C ASN A 310 -4.45 46.77 -3.17
N LEU A 311 -4.15 46.80 -1.88
CA LEU A 311 -3.21 45.87 -1.26
C LEU A 311 -3.74 44.45 -1.14
N ASP A 312 -5.05 44.29 -1.17
CA ASP A 312 -5.65 42.95 -1.04
C ASP A 312 -5.48 42.10 -2.31
N VAL A 313 -5.38 42.76 -3.46
CA VAL A 313 -5.20 42.09 -4.75
C VAL A 313 -3.75 42.07 -5.24
N ASP A 314 -2.91 42.97 -4.73
CA ASP A 314 -1.51 43.06 -5.16
C ASP A 314 -0.67 41.88 -4.67
N VAL A 315 -0.21 41.06 -5.62
CA VAL A 315 0.50 39.82 -5.34
C VAL A 315 1.86 40.12 -4.75
N SER A 316 2.48 41.21 -5.18
CA SER A 316 3.79 41.58 -4.67
C SER A 316 3.72 42.01 -3.20
N TRP A 317 2.69 42.76 -2.82
CA TRP A 317 2.52 43.16 -1.41
C TRP A 317 2.35 41.94 -0.49
N GLN A 318 1.47 41.03 -0.90
CA GLN A 318 1.22 39.80 -0.17
C GLN A 318 2.46 38.90 -0.06
N TYR A 319 3.35 38.94 -1.04
CA TYR A 319 4.63 38.20 -0.95
C TYR A 319 5.58 38.78 0.10
N LEU A 320 5.69 40.10 0.14
CA LEU A 320 6.52 40.80 1.11
C LEU A 320 6.07 40.59 2.55
N ARG A 321 4.78 40.31 2.76
CA ARG A 321 4.26 40.03 4.09
C ARG A 321 4.84 38.73 4.67
N PHE A 322 5.08 37.75 3.80
CA PHE A 322 5.68 36.47 4.18
C PHE A 322 7.18 36.64 4.41
N LEU A 323 7.82 37.45 3.57
CA LEU A 323 9.28 37.53 3.52
C LEU A 323 9.89 38.55 4.50
N MET A 324 9.32 39.75 4.57
CA MET A 324 10.00 40.86 5.26
C MET A 324 10.00 40.72 6.78
N GLU A 325 11.17 40.39 7.32
CA GLU A 325 11.37 40.32 8.78
C GLU A 325 11.37 41.69 9.46
N ASP A 326 11.42 42.77 8.68
CA ASP A 326 11.37 44.12 9.23
C ASP A 326 9.93 44.66 9.21
N ASP A 327 9.33 44.80 10.38
CA ASP A 327 7.95 45.30 10.50
C ASP A 327 7.85 46.74 10.02
N GLU A 328 8.72 47.59 10.56
CA GLU A 328 8.66 49.03 10.31
C GLU A 328 8.74 49.38 8.83
N LYS A 329 9.54 48.63 8.08
CA LYS A 329 9.60 48.78 6.63
C LYS A 329 8.24 48.45 6.01
N LEU A 330 7.70 47.31 6.40
CA LEU A 330 6.48 46.76 5.80
C LEU A 330 5.30 47.72 5.92
N GLU A 331 5.01 48.18 7.13
CA GLU A 331 3.94 49.18 7.35
C GLU A 331 4.11 50.38 6.43
N GLU A 332 5.32 50.89 6.33
CA GLU A 332 5.59 52.11 5.57
C GLU A 332 5.52 51.89 4.06
N ILE A 333 6.00 50.75 3.59
CA ILE A 333 5.78 50.35 2.19
C ILE A 333 4.28 50.30 1.88
N GLY A 334 3.55 49.60 2.74
CA GLY A 334 2.09 49.44 2.62
C GLY A 334 1.35 50.76 2.63
N LYS A 335 1.79 51.68 3.49
CA LYS A 335 1.22 53.03 3.56
C LYS A 335 1.53 53.83 2.29
N LYS A 336 2.81 53.87 1.91
CA LYS A 336 3.24 54.63 0.74
C LYS A 336 2.63 54.10 -0.57
N TYR A 337 2.59 52.78 -0.72
CA TYR A 337 2.01 52.13 -1.91
C TYR A 337 0.48 52.24 -1.94
N SER A 338 -0.13 52.29 -0.77
CA SER A 338 -1.55 52.60 -0.63
C SER A 338 -1.88 54.04 -1.06
N SER A 339 -1.10 55.00 -0.58
CA SER A 339 -1.42 56.41 -0.73
C SER A 339 -1.01 56.97 -2.10
N GLY A 340 -0.21 56.20 -2.84
CA GLY A 340 0.20 56.59 -4.19
C GLY A 340 1.57 57.26 -4.29
N GLU A 341 2.34 57.27 -3.20
CA GLU A 341 3.73 57.75 -3.25
C GLU A 341 4.72 56.59 -3.39
N MET A 342 4.26 55.54 -4.05
CA MET A 342 5.11 54.46 -4.49
C MET A 342 4.40 53.79 -5.66
N LEU A 343 5.07 53.65 -6.78
CA LEU A 343 4.47 53.00 -7.93
C LEU A 343 4.57 51.48 -7.80
N SER A 344 3.73 50.79 -8.56
CA SER A 344 3.80 49.33 -8.71
C SER A 344 5.21 48.88 -9.08
N GLY A 345 5.89 49.67 -9.90
CA GLY A 345 7.26 49.38 -10.29
C GLY A 345 8.22 49.21 -9.14
N GLU A 346 8.17 50.08 -8.14
CA GLU A 346 9.12 50.03 -7.02
C GLU A 346 8.80 48.85 -6.06
N ILE A 347 7.52 48.65 -5.76
CA ILE A 347 7.13 47.56 -4.86
C ILE A 347 7.55 46.21 -5.44
N LYS A 348 7.54 46.09 -6.76
CA LYS A 348 7.93 44.85 -7.41
C LYS A 348 9.43 44.63 -7.37
N SER A 349 10.19 45.74 -7.34
CA SER A 349 11.65 45.67 -7.26
C SER A 349 12.08 45.29 -5.85
N ILE A 350 11.48 45.92 -4.85
CA ILE A 350 11.78 45.59 -3.45
C ILE A 350 11.61 44.09 -3.17
N LEU A 351 10.51 43.53 -3.67
CA LEU A 351 10.22 42.08 -3.57
C LEU A 351 11.26 41.21 -4.30
N VAL A 352 11.63 41.63 -5.50
CA VAL A 352 12.67 40.93 -6.29
C VAL A 352 13.97 40.79 -5.50
N GLN A 353 14.42 41.88 -4.88
CA GLN A 353 15.68 41.83 -4.14
C GLN A 353 15.56 41.03 -2.85
N GLU A 354 14.38 41.06 -2.22
CA GLU A 354 14.08 40.18 -1.08
C GLU A 354 14.10 38.70 -1.49
N LEU A 355 13.41 38.40 -2.61
CA LEU A 355 13.38 37.05 -3.15
C LEU A 355 14.76 36.48 -3.48
N VAL A 356 15.67 37.31 -3.99
CA VAL A 356 16.99 36.81 -4.41
C VAL A 356 17.94 36.67 -3.22
N LYS A 357 17.78 37.55 -2.23
CA LYS A 357 18.46 37.36 -0.95
C LYS A 357 18.04 36.03 -0.36
N LEU A 358 16.73 35.77 -0.32
CA LEU A 358 16.20 34.49 0.16
C LEU A 358 16.71 33.31 -0.66
N THR A 359 16.61 33.45 -1.97
CA THR A 359 16.87 32.36 -2.90
C THR A 359 18.37 32.08 -3.01
N LYS A 360 19.20 33.09 -2.76
CA LYS A 360 20.65 32.94 -2.79
C LYS A 360 21.16 32.24 -1.52
N ASN A 361 20.58 32.61 -0.39
CA ASN A 361 20.90 31.97 0.89
C ASN A 361 20.47 30.50 0.91
N HIS A 362 19.33 30.20 0.29
CA HIS A 362 18.90 28.82 0.13
C HIS A 362 19.81 28.06 -0.83
N GLN A 363 20.24 28.69 -1.92
CA GLN A 363 21.01 28.02 -2.96
C GLN A 363 22.42 27.61 -2.50
N LYS A 364 23.06 28.44 -1.66
CA LYS A 364 24.35 28.09 -1.08
C LYS A 364 24.22 26.98 -0.02
N ASN A 365 23.18 27.04 0.80
CA ASN A 365 22.89 25.97 1.76
C ASN A 365 22.63 24.65 1.05
N ARG A 366 22.06 24.70 -0.14
CA ARG A 366 21.83 23.51 -0.96
C ARG A 366 23.12 22.92 -1.54
N GLU A 367 24.11 23.78 -1.84
CA GLU A 367 25.40 23.27 -2.35
C GLU A 367 26.12 22.40 -1.32
N ALA A 368 25.80 22.56 -0.04
CA ALA A 368 26.42 21.79 1.04
C ALA A 368 25.72 20.47 1.29
N ILE A 369 24.85 20.05 0.39
CA ILE A 369 24.06 18.85 0.60
C ILE A 369 24.46 17.77 -0.41
N ASN A 370 25.11 16.73 0.10
CA ASN A 370 25.54 15.58 -0.69
C ASN A 370 24.80 14.31 -0.21
N ASP A 371 25.04 13.18 -0.87
CA ASP A 371 24.39 11.92 -0.49
C ASP A 371 24.70 11.48 0.94
N ASP A 372 25.85 11.91 1.47
CA ASP A 372 26.19 11.58 2.83
C ASP A 372 25.34 12.35 3.83
N VAL A 373 25.00 13.58 3.48
CA VAL A 373 24.14 14.40 4.33
C VAL A 373 22.73 13.86 4.25
N ILE A 374 22.29 13.57 3.04
CA ILE A 374 20.96 12.98 2.83
C ILE A 374 20.81 11.75 3.70
N ALA A 375 21.80 10.85 3.63
CA ALA A 375 21.84 9.60 4.41
C ALA A 375 21.57 9.80 5.89
N LYS A 376 22.10 10.85 6.49
CA LYS A 376 21.82 11.14 7.90
C LYS A 376 20.33 11.41 8.15
N PHE A 377 19.67 12.06 7.20
CA PHE A 377 18.27 12.43 7.33
C PHE A 377 17.37 11.25 6.99
N THR A 378 17.81 10.47 6.02
CA THR A 378 17.02 9.34 5.57
C THR A 378 17.23 8.12 6.44
N ASN A 379 18.26 8.11 7.28
CA ASN A 379 18.54 6.97 8.12
C ASN A 379 17.38 6.68 9.02
N LYS A 380 16.82 5.50 8.86
CA LYS A 380 15.60 5.13 9.50
C LYS A 380 15.75 4.95 11.04
N SER A 381 16.95 4.65 11.50
CA SER A 381 17.18 4.34 12.92
C SER A 381 17.70 5.52 13.73
N ARG A 382 17.16 5.68 14.93
CA ARG A 382 17.61 6.72 15.86
C ARG A 382 17.76 6.18 17.27
N GLU A 383 18.98 5.80 17.67
CA GLU A 383 19.22 5.40 19.06
C GLU A 383 18.83 6.56 20.00
N GLN A 384 17.62 6.48 20.54
CA GLN A 384 17.04 7.52 21.40
C GLN A 384 16.36 6.92 22.62
N LEU A 385 16.14 7.75 23.63
CA LEU A 385 15.42 7.35 24.81
C LEU A 385 14.08 8.09 24.91
N LEU A 386 13.10 7.56 24.18
CA LEU A 386 11.68 7.81 24.42
C LEU A 386 11.05 6.56 25.08
N LYS A 387 11.81 5.46 25.14
CA LYS A 387 11.42 4.26 25.88
C LYS A 387 12.51 3.92 26.90
N ASN B 20 -19.32 -24.96 -14.31
CA ASN B 20 -19.54 -25.13 -15.78
C ASN B 20 -20.40 -24.01 -16.37
N LYS B 21 -21.42 -23.60 -15.61
CA LYS B 21 -22.13 -22.37 -15.89
C LYS B 21 -21.28 -21.19 -15.42
N LEU B 22 -20.42 -21.43 -14.43
CA LEU B 22 -19.46 -20.42 -13.97
C LEU B 22 -18.30 -20.23 -14.97
N ILE B 23 -17.91 -21.30 -15.65
CA ILE B 23 -16.85 -21.22 -16.66
C ILE B 23 -17.22 -20.34 -17.87
N ASP B 24 -18.51 -20.27 -18.21
CA ASP B 24 -18.97 -19.42 -19.30
C ASP B 24 -18.96 -17.95 -18.89
N LYS B 25 -19.60 -17.65 -17.75
CA LYS B 25 -19.74 -16.27 -17.26
C LYS B 25 -18.40 -15.63 -16.89
N PHE B 26 -17.41 -16.44 -16.50
CA PHE B 26 -16.05 -15.94 -16.35
C PHE B 26 -15.40 -15.77 -17.71
N GLY B 27 -15.60 -16.76 -18.58
CA GLY B 27 -15.00 -16.74 -19.91
C GLY B 27 -13.65 -17.42 -19.91
N CYS B 28 -13.59 -18.58 -19.27
CA CYS B 28 -12.41 -19.44 -19.33
C CYS B 28 -12.68 -20.51 -20.34
N LYS B 29 -11.62 -21.14 -20.85
CA LYS B 29 -11.75 -22.26 -21.75
C LYS B 29 -11.45 -23.55 -20.98
N LEU B 30 -12.08 -24.64 -21.41
CA LEU B 30 -11.84 -25.96 -20.82
C LEU B 30 -10.51 -26.51 -21.32
N ILE B 31 -9.83 -27.26 -20.45
CA ILE B 31 -8.56 -27.91 -20.80
C ILE B 31 -8.86 -29.20 -21.54
N THR B 32 -8.80 -29.15 -22.86
CA THR B 32 -9.05 -30.34 -23.68
C THR B 32 -7.93 -31.37 -23.49
N LYS B 33 -8.16 -32.58 -24.00
CA LYS B 33 -7.16 -33.65 -23.96
C LYS B 33 -5.91 -33.27 -24.77
N ASP B 34 -6.09 -32.50 -25.84
CA ASP B 34 -4.98 -32.12 -26.73
C ASP B 34 -3.94 -31.30 -25.99
N MET B 35 -4.39 -30.51 -25.01
CA MET B 35 -3.49 -29.79 -24.09
C MET B 35 -2.83 -30.73 -23.09
N ILE B 36 -3.64 -31.61 -22.49
CA ILE B 36 -3.14 -32.60 -21.54
C ILE B 36 -2.02 -33.42 -22.18
N GLU B 37 -2.31 -33.93 -23.38
CA GLU B 37 -1.36 -34.77 -24.11
C GLU B 37 -0.10 -34.00 -24.50
N ARG B 38 -0.23 -32.69 -24.69
CA ARG B 38 0.91 -31.85 -25.07
C ARG B 38 1.86 -31.64 -23.90
N MET B 39 1.31 -31.35 -22.72
CA MET B 39 2.14 -31.13 -21.54
C MET B 39 2.93 -32.38 -21.22
N GLU B 40 2.23 -33.50 -21.13
CA GLU B 40 2.83 -34.81 -20.95
C GLU B 40 3.89 -35.07 -22.04
N ARG B 41 3.54 -34.71 -23.27
CA ARG B 41 4.44 -34.82 -24.41
C ARG B 41 5.71 -33.99 -24.21
N LEU B 42 5.54 -32.76 -23.75
CA LEU B 42 6.65 -31.80 -23.62
C LEU B 42 7.45 -32.03 -22.34
N THR B 43 6.75 -32.35 -21.26
CA THR B 43 7.37 -32.56 -19.95
C THR B 43 8.20 -33.83 -19.86
N GLY B 44 7.64 -34.93 -20.35
CA GLY B 44 8.22 -36.25 -20.14
C GLY B 44 7.84 -36.81 -18.78
N GLN B 45 6.59 -36.61 -18.37
CA GLN B 45 6.08 -37.17 -17.13
C GLN B 45 4.55 -37.32 -17.19
N LYS B 46 4.05 -38.36 -16.54
CA LYS B 46 2.61 -38.65 -16.52
C LYS B 46 1.88 -37.47 -15.93
N ALA B 47 0.72 -37.13 -16.51
CA ALA B 47 -0.08 -36.01 -16.02
C ALA B 47 -0.61 -36.29 -14.62
N HIS B 48 -0.67 -35.25 -13.79
CA HIS B 48 -1.24 -35.36 -12.45
C HIS B 48 -2.65 -35.89 -12.57
N HIS B 49 -3.13 -36.59 -11.54
CA HIS B 49 -4.50 -37.11 -11.56
C HIS B 49 -5.54 -35.98 -11.50
N PHE B 50 -5.13 -34.79 -11.06
CA PHE B 50 -6.01 -33.62 -11.05
C PHE B 50 -6.48 -33.23 -12.46
N PHE B 51 -5.73 -33.66 -13.47
CA PHE B 51 -6.18 -33.54 -14.86
C PHE B 51 -7.18 -34.65 -15.25
N ARG B 52 -6.78 -35.92 -15.07
CA ARG B 52 -7.68 -37.05 -15.35
C ARG B 52 -9.08 -36.75 -14.81
N ARG B 53 -9.12 -36.29 -13.55
CA ARG B 53 -10.37 -36.19 -12.81
C ARG B 53 -10.98 -34.81 -12.84
N ASN B 54 -10.49 -34.00 -13.77
CA ASN B 54 -11.04 -32.68 -13.98
C ASN B 54 -11.20 -31.99 -12.62
N ILE B 55 -10.09 -31.88 -11.87
CA ILE B 55 -9.97 -31.12 -10.62
C ILE B 55 -9.35 -29.77 -10.93
N PHE B 56 -8.28 -29.81 -11.72
CA PHE B 56 -7.85 -28.63 -12.49
C PHE B 56 -8.46 -28.82 -13.86
N LEU B 57 -9.54 -28.09 -14.13
CA LEU B 57 -10.34 -28.32 -15.33
C LEU B 57 -10.26 -27.17 -16.34
N SER B 58 -9.68 -26.05 -15.92
CA SER B 58 -9.87 -24.79 -16.64
C SER B 58 -8.59 -24.00 -16.73
N HIS B 59 -8.47 -23.15 -17.76
CA HIS B 59 -7.27 -22.32 -17.94
C HIS B 59 -7.50 -21.04 -18.73
N ARG B 60 -6.55 -20.12 -18.59
CA ARG B 60 -6.36 -19.00 -19.52
C ARG B 60 -4.91 -18.97 -20.01
N ASP B 61 -4.76 -19.13 -21.32
CA ASP B 61 -3.45 -19.08 -21.99
C ASP B 61 -2.40 -20.03 -21.39
N PHE B 62 -2.84 -21.16 -20.87
CA PHE B 62 -1.92 -22.22 -20.46
C PHE B 62 -1.17 -22.74 -21.70
N GLU B 63 -1.82 -22.72 -22.87
CA GLU B 63 -1.15 -23.11 -24.12
C GLU B 63 0.05 -22.20 -24.47
N LYS B 64 0.03 -20.97 -23.99
CA LYS B 64 1.19 -20.08 -24.14
C LYS B 64 2.39 -20.60 -23.34
N ILE B 65 2.14 -21.12 -22.13
CA ILE B 65 3.21 -21.63 -21.27
C ILE B 65 3.93 -22.78 -21.93
N LEU B 66 3.17 -23.70 -22.53
CA LEU B 66 3.74 -24.84 -23.23
C LEU B 66 4.47 -24.39 -24.50
N ASP B 67 3.93 -23.37 -25.17
CA ASP B 67 4.62 -22.77 -26.32
C ASP B 67 6.01 -22.29 -25.89
N VAL B 68 6.02 -21.53 -24.79
CA VAL B 68 7.26 -20.99 -24.21
C VAL B 68 8.22 -22.08 -23.77
N TYR B 69 7.71 -23.13 -23.12
CA TYR B 69 8.55 -24.23 -22.66
C TYR B 69 9.02 -25.07 -23.83
N GLU B 70 8.20 -25.13 -24.89
CA GLU B 70 8.61 -25.77 -26.16
C GLU B 70 9.85 -25.11 -26.77
N LYS B 71 9.97 -23.80 -26.55
CA LYS B 71 11.06 -23.00 -27.14
C LYS B 71 12.33 -22.94 -26.29
N GLY B 72 12.38 -23.73 -25.21
CA GLY B 72 13.53 -23.71 -24.30
C GLY B 72 13.52 -22.56 -23.30
N GLU B 73 12.47 -21.75 -23.30
CA GLU B 73 12.41 -20.58 -22.42
C GLU B 73 11.83 -20.92 -21.06
N LEU B 74 12.33 -20.22 -20.05
CA LEU B 74 11.84 -20.40 -18.69
C LEU B 74 10.68 -19.45 -18.39
N PHE B 75 9.88 -19.84 -17.41
CA PHE B 75 8.79 -19.02 -16.90
C PHE B 75 8.74 -19.24 -15.40
N TYR B 76 7.77 -18.64 -14.72
CA TYR B 76 7.61 -18.87 -13.29
C TYR B 76 6.17 -19.10 -12.84
N LEU B 77 6.04 -19.73 -11.68
CA LEU B 77 4.76 -20.04 -11.07
C LEU B 77 4.46 -19.04 -9.96
N TYR B 78 3.20 -18.66 -9.84
CA TYR B 78 2.77 -17.82 -8.73
C TYR B 78 1.48 -18.41 -8.16
N THR B 79 1.49 -18.62 -6.85
CA THR B 79 0.28 -19.02 -6.11
C THR B 79 0.32 -18.44 -4.71
N GLY B 80 -0.79 -18.56 -4.00
CA GLY B 80 -0.92 -17.89 -2.72
C GLY B 80 -1.87 -18.56 -1.74
N ARG B 81 -1.96 -17.90 -0.59
CA ARG B 81 -2.72 -18.39 0.54
C ARG B 81 -3.08 -17.19 1.41
N GLY B 82 -4.31 -17.15 1.89
CA GLY B 82 -4.76 -16.13 2.83
C GLY B 82 -4.80 -16.68 4.25
N PRO B 83 -3.89 -16.21 5.12
CA PRO B 83 -3.86 -16.72 6.49
C PRO B 83 -4.99 -16.23 7.41
N SER B 84 -6.16 -16.86 7.30
CA SER B 84 -7.27 -16.63 8.24
C SER B 84 -7.35 -17.68 9.36
N SER B 85 -6.52 -18.72 9.28
CA SER B 85 -6.47 -19.77 10.30
C SER B 85 -5.04 -20.25 10.44
N GLU B 86 -4.70 -20.74 11.62
CA GLU B 86 -3.33 -21.08 11.95
C GLU B 86 -2.83 -22.26 11.14
N SER B 87 -3.74 -23.15 10.76
CA SER B 87 -3.40 -24.30 9.94
C SER B 87 -4.20 -24.30 8.64
N LEU B 88 -3.62 -24.85 7.59
CA LEU B 88 -4.28 -24.96 6.29
C LEU B 88 -5.34 -26.06 6.36
N HIS B 89 -6.47 -25.87 5.68
CA HIS B 89 -7.40 -26.98 5.43
C HIS B 89 -6.75 -27.90 4.42
N VAL B 90 -7.23 -29.14 4.35
CA VAL B 90 -6.72 -30.09 3.36
C VAL B 90 -7.15 -29.62 1.96
N GLY B 91 -8.26 -28.87 1.91
CA GLY B 91 -8.75 -28.34 0.66
C GLY B 91 -7.76 -27.39 0.05
N HIS B 92 -7.07 -26.64 0.91
CA HIS B 92 -6.04 -25.69 0.50
C HIS B 92 -4.75 -26.35 0.04
N LEU B 93 -4.55 -27.62 0.32
CA LEU B 93 -3.40 -28.34 -0.24
C LEU B 93 -3.58 -28.70 -1.73
N VAL B 94 -4.80 -28.57 -2.25
CA VAL B 94 -5.06 -28.96 -3.64
C VAL B 94 -4.28 -28.09 -4.62
N PRO B 95 -4.29 -26.76 -4.43
CA PRO B 95 -3.45 -25.99 -5.36
C PRO B 95 -1.94 -26.12 -5.07
N PHE B 96 -1.59 -26.26 -3.81
CA PHE B 96 -0.16 -26.34 -3.43
C PHE B 96 0.46 -27.65 -3.90
N LEU B 97 -0.21 -28.77 -3.66
CA LEU B 97 0.26 -30.09 -4.13
C LEU B 97 0.39 -30.09 -5.63
N PHE B 98 -0.51 -29.41 -6.33
CA PHE B 98 -0.49 -29.35 -7.79
C PHE B 98 0.68 -28.51 -8.30
N THR B 99 0.93 -27.38 -7.62
CA THR B 99 2.07 -26.51 -7.94
C THR B 99 3.43 -27.19 -7.76
N LYS B 100 3.55 -28.02 -6.74
CA LYS B 100 4.77 -28.81 -6.50
C LYS B 100 4.99 -29.74 -7.68
N TYR B 101 3.94 -30.40 -8.12
CA TYR B 101 4.01 -31.24 -9.30
C TYR B 101 4.48 -30.43 -10.51
N LEU B 102 3.92 -29.24 -10.69
CA LEU B 102 4.31 -28.37 -11.79
C LEU B 102 5.76 -27.90 -11.65
N GLN B 103 6.22 -27.70 -10.42
CA GLN B 103 7.60 -27.27 -10.20
C GLN B 103 8.55 -28.42 -10.51
N ASP B 104 8.16 -29.62 -10.11
CA ASP B 104 8.96 -30.81 -10.38
C ASP B 104 8.99 -31.15 -11.86
N THR B 105 7.91 -30.84 -12.56
CA THR B 105 7.77 -31.21 -13.95
C THR B 105 8.47 -30.23 -14.88
N PHE B 106 8.26 -28.95 -14.66
CA PHE B 106 8.88 -27.91 -15.49
C PHE B 106 10.21 -27.40 -14.95
N LYS B 107 10.48 -27.65 -13.67
CA LYS B 107 11.75 -27.26 -13.04
C LYS B 107 11.90 -25.75 -13.09
N VAL B 108 10.83 -25.03 -12.74
CA VAL B 108 10.80 -23.57 -12.84
C VAL B 108 10.73 -22.91 -11.46
N PRO B 109 11.11 -21.62 -11.37
CA PRO B 109 10.99 -20.90 -10.11
C PRO B 109 9.54 -20.75 -9.69
N LEU B 110 9.33 -20.63 -8.38
CA LEU B 110 8.01 -20.44 -7.81
C LEU B 110 8.03 -19.30 -6.78
N VAL B 111 6.91 -18.58 -6.74
CA VAL B 111 6.72 -17.40 -5.95
C VAL B 111 5.39 -17.57 -5.19
N ILE B 112 5.40 -17.43 -3.86
CA ILE B 112 4.21 -17.70 -3.03
C ILE B 112 3.87 -16.55 -2.09
N GLN B 113 2.66 -16.02 -2.18
CA GLN B 113 2.26 -14.84 -1.39
C GLN B 113 1.36 -15.23 -0.21
N LEU B 114 1.77 -14.88 0.98
CA LEU B 114 0.89 -14.98 2.14
C LEU B 114 0.30 -13.61 2.42
N THR B 115 -1.04 -13.51 2.27
CA THR B 115 -1.75 -12.23 2.25
C THR B 115 -2.20 -11.78 3.64
N ASP B 116 -1.27 -11.57 4.54
CA ASP B 116 -1.69 -11.15 5.89
C ASP B 116 -2.45 -9.82 5.87
N ASP B 117 -2.14 -8.94 4.91
CA ASP B 117 -2.92 -7.72 4.67
C ASP B 117 -4.41 -7.97 4.28
N GLU B 118 -4.65 -8.89 3.34
CA GLU B 118 -6.02 -9.14 2.84
C GLU B 118 -7.01 -9.56 3.93
N LYS B 119 -6.58 -10.49 4.79
CA LYS B 119 -7.47 -11.13 5.72
C LYS B 119 -7.72 -10.29 6.95
N PHE B 120 -6.74 -9.47 7.32
CA PHE B 120 -6.99 -8.42 8.27
C PHE B 120 -7.98 -7.42 7.69
N ILE B 121 -7.95 -7.22 6.35
CA ILE B 121 -8.83 -6.23 5.75
C ILE B 121 -10.28 -6.75 5.61
N PHE B 122 -10.43 -7.97 5.14
CA PHE B 122 -11.75 -8.54 4.79
C PHE B 122 -12.47 -9.29 5.92
N LYS B 123 -11.84 -9.36 7.10
CA LYS B 123 -12.38 -10.11 8.23
C LYS B 123 -12.35 -9.29 9.51
N SER B 124 -13.49 -8.72 9.86
CA SER B 124 -13.65 -7.84 11.03
C SER B 124 -13.04 -8.39 12.31
N ASN B 125 -13.12 -9.72 12.45
CA ASN B 125 -12.64 -10.41 13.63
C ASN B 125 -11.14 -10.75 13.61
N LEU B 126 -10.33 -9.97 12.90
CA LEU B 126 -8.89 -10.26 12.76
C LEU B 126 -7.99 -9.03 12.92
N THR B 127 -6.76 -9.29 13.35
CA THR B 127 -5.75 -8.26 13.51
C THR B 127 -4.50 -8.66 12.74
N LEU B 128 -3.60 -7.70 12.58
CA LEU B 128 -2.39 -7.94 11.80
C LEU B 128 -1.40 -8.75 12.60
N GLU B 129 -1.42 -8.61 13.92
CA GLU B 129 -0.59 -9.48 14.75
C GLU B 129 -0.97 -10.94 14.54
N GLU B 130 -2.25 -11.26 14.60
CA GLU B 130 -2.73 -12.62 14.42
C GLU B 130 -2.48 -13.13 12.99
N THR B 131 -2.79 -12.30 12.02
CA THR B 131 -2.61 -12.65 10.60
C THR B 131 -1.15 -12.87 10.24
N HIS B 132 -0.27 -12.14 10.92
CA HIS B 132 1.14 -12.27 10.64
C HIS B 132 1.64 -13.60 11.19
N ASN B 133 1.28 -13.91 12.44
CA ASN B 133 1.64 -15.21 13.04
C ASN B 133 1.02 -16.40 12.29
N TYR B 134 -0.24 -16.28 11.90
CA TYR B 134 -0.92 -17.33 11.18
C TYR B 134 -0.18 -17.55 9.84
N ALA B 135 0.30 -16.45 9.27
CA ALA B 135 1.10 -16.46 8.06
C ALA B 135 2.34 -17.31 8.21
N TYR B 136 3.05 -17.16 9.32
CA TYR B 136 4.32 -17.89 9.50
C TYR B 136 4.12 -19.37 9.78
N GLU B 137 3.07 -19.72 10.50
CA GLU B 137 2.72 -21.11 10.71
C GLU B 137 2.27 -21.73 9.38
N ASN B 138 1.44 -21.00 8.65
CA ASN B 138 1.01 -21.40 7.33
C ASN B 138 2.20 -21.71 6.40
N MET B 139 3.28 -20.94 6.50
CA MET B 139 4.47 -21.20 5.68
C MET B 139 5.05 -22.58 5.95
N LYS B 140 5.04 -23.00 7.21
CA LYS B 140 5.51 -24.34 7.57
C LYS B 140 4.70 -25.44 6.85
N ASP B 141 3.37 -25.31 6.88
CA ASP B 141 2.49 -26.22 6.15
C ASP B 141 2.78 -26.19 4.68
N ILE B 142 3.08 -25.00 4.17
CA ILE B 142 3.36 -24.85 2.74
C ILE B 142 4.68 -25.54 2.38
N ILE B 143 5.72 -25.25 3.12
CA ILE B 143 7.04 -25.87 2.90
C ILE B 143 6.97 -27.39 3.08
N ALA B 144 6.11 -27.85 3.99
CA ALA B 144 5.91 -29.27 4.24
C ALA B 144 5.40 -30.06 3.02
N CYS B 145 4.98 -29.39 1.96
CA CYS B 145 4.60 -30.03 0.71
C CYS B 145 5.81 -30.44 -0.14
N GLY B 146 7.01 -30.06 0.30
CA GLY B 146 8.24 -30.52 -0.35
C GLY B 146 8.72 -29.67 -1.51
N PHE B 147 8.47 -28.37 -1.46
CA PHE B 147 9.01 -27.44 -2.46
C PHE B 147 10.52 -27.34 -2.32
N ASP B 148 11.19 -27.07 -3.43
CA ASP B 148 12.64 -26.87 -3.47
C ASP B 148 12.95 -25.42 -3.08
N PRO B 149 13.75 -25.20 -2.01
CA PRO B 149 14.12 -23.85 -1.62
C PRO B 149 15.02 -23.11 -2.62
N GLU B 150 15.75 -23.84 -3.45
CA GLU B 150 16.53 -23.21 -4.51
C GLU B 150 15.66 -22.71 -5.66
N LEU B 151 14.40 -23.14 -5.71
CA LEU B 151 13.47 -22.70 -6.77
C LEU B 151 12.25 -21.94 -6.24
N THR B 152 12.15 -21.76 -4.92
CA THR B 152 10.95 -21.21 -4.32
C THR B 152 11.20 -19.99 -3.44
N PHE B 153 10.43 -18.94 -3.70
CA PHE B 153 10.47 -17.74 -2.87
C PHE B 153 9.10 -17.48 -2.24
N ILE B 154 9.04 -17.53 -0.91
CA ILE B 154 7.81 -17.34 -0.17
C ILE B 154 7.94 -16.05 0.59
N PHE B 155 6.83 -15.34 0.78
CA PHE B 155 6.86 -14.03 1.41
C PHE B 155 5.50 -13.62 1.92
N THR B 156 5.48 -12.78 2.95
CA THR B 156 4.24 -12.14 3.41
C THR B 156 4.15 -10.75 2.79
N ASN B 157 2.94 -10.27 2.54
CA ASN B 157 2.73 -8.92 2.04
C ASN B 157 3.28 -7.90 3.05
N LEU B 158 3.13 -8.11 4.35
CA LEU B 158 3.67 -7.12 5.28
C LEU B 158 5.18 -6.98 5.15
N GLU B 159 5.86 -8.01 4.65
CA GLU B 159 7.33 -7.95 4.58
C GLU B 159 7.89 -7.63 3.22
N TYR B 160 7.10 -7.82 2.18
CA TYR B 160 7.57 -7.65 0.81
C TYR B 160 6.82 -6.53 0.08
N ILE B 161 6.02 -5.76 0.83
CA ILE B 161 5.16 -4.72 0.24
C ILE B 161 5.94 -3.69 -0.60
N ALA B 162 7.12 -3.31 -0.10
CA ALA B 162 7.92 -2.31 -0.79
C ALA B 162 8.41 -2.75 -2.16
N GLU B 163 8.79 -4.01 -2.28
CA GLU B 163 9.13 -4.55 -3.59
C GLU B 163 7.91 -4.60 -4.53
N LEU B 164 6.72 -4.84 -4.00
CA LEU B 164 5.50 -4.86 -4.82
C LEU B 164 4.92 -3.48 -5.15
N TYR B 165 5.31 -2.48 -4.36
CA TYR B 165 4.62 -1.17 -4.39
C TYR B 165 4.62 -0.52 -5.77
N PRO B 166 5.77 -0.48 -6.47
CA PRO B 166 5.77 0.12 -7.80
C PRO B 166 4.78 -0.51 -8.78
N ASP B 167 4.63 -1.83 -8.78
CA ASP B 167 3.65 -2.45 -9.67
C ASP B 167 2.23 -2.31 -9.13
N ILE B 168 2.09 -2.19 -7.81
CA ILE B 168 0.77 -1.99 -7.22
C ILE B 168 0.25 -0.65 -7.70
N LEU B 169 1.10 0.37 -7.57
CA LEU B 169 0.77 1.74 -8.02
C LEU B 169 0.49 1.85 -9.55
N ARG B 170 1.24 1.12 -10.37
CA ARG B 170 1.02 1.10 -11.81
C ARG B 170 -0.30 0.44 -12.22
N ILE B 171 -0.69 -0.63 -11.54
CA ILE B 171 -1.96 -1.30 -11.76
C ILE B 171 -3.12 -0.41 -11.31
N GLU B 172 -2.94 0.25 -10.15
CA GLU B 172 -3.99 1.07 -9.57
C GLU B 172 -4.35 2.28 -10.43
N LYS B 173 -3.34 2.86 -11.08
CA LYS B 173 -3.53 4.04 -11.89
C LYS B 173 -4.31 3.73 -13.16
N LYS B 174 -4.34 2.45 -13.53
CA LYS B 174 -5.02 2.00 -14.74
C LYS B 174 -6.42 1.46 -14.48
N ILE B 175 -6.80 1.30 -13.22
CA ILE B 175 -8.15 0.79 -12.92
C ILE B 175 -9.05 1.81 -12.21
N SER B 176 -10.27 1.96 -12.70
CA SER B 176 -11.25 2.83 -12.08
C SER B 176 -11.85 2.16 -10.86
N CYS B 177 -12.24 2.95 -9.89
CA CYS B 177 -12.93 2.46 -8.72
C CYS B 177 -14.19 1.70 -9.16
N SER B 178 -14.87 2.22 -10.18
CA SER B 178 -16.06 1.57 -10.74
C SER B 178 -15.75 0.21 -11.36
N GLN B 179 -14.58 0.07 -11.98
CA GLN B 179 -14.14 -1.24 -12.48
C GLN B 179 -13.97 -2.25 -11.35
N ILE B 180 -13.44 -1.81 -10.21
CA ILE B 180 -13.35 -2.70 -9.05
C ILE B 180 -14.73 -3.19 -8.65
N LYS B 181 -15.67 -2.25 -8.48
CA LYS B 181 -17.03 -2.62 -8.09
C LYS B 181 -17.58 -3.67 -9.05
N SER B 182 -17.39 -3.40 -10.33
CA SER B 182 -17.91 -4.26 -11.38
C SER B 182 -17.35 -5.69 -11.31
N ILE B 183 -16.08 -5.80 -10.91
CA ILE B 183 -15.35 -7.07 -10.93
C ILE B 183 -15.52 -7.88 -9.64
N PHE B 184 -15.32 -7.22 -8.50
CA PHE B 184 -15.38 -7.88 -7.19
C PHE B 184 -16.72 -7.67 -6.48
N GLY B 185 -17.57 -6.83 -7.03
CA GLY B 185 -18.92 -6.64 -6.50
C GLY B 185 -18.95 -5.87 -5.19
N PHE B 186 -17.95 -5.06 -4.92
CA PHE B 186 -17.93 -4.26 -3.69
C PHE B 186 -19.00 -3.19 -3.79
N LYS B 187 -19.18 -2.44 -2.71
CA LYS B 187 -20.16 -1.36 -2.69
C LYS B 187 -19.53 -0.16 -1.99
N ASP B 188 -20.15 1.00 -2.13
CA ASP B 188 -19.63 2.23 -1.53
C ASP B 188 -19.45 2.06 -0.03
N SER B 189 -20.31 1.27 0.57
CA SER B 189 -20.29 1.01 2.00
C SER B 189 -19.06 0.21 2.44
N CYS B 190 -18.44 -0.52 1.51
CA CYS B 190 -17.25 -1.31 1.82
C CYS B 190 -16.06 -0.43 2.19
N ASN B 191 -15.20 -0.94 3.04
CA ASN B 191 -14.04 -0.17 3.50
C ASN B 191 -13.01 -0.07 2.37
N VAL B 192 -12.30 1.05 2.34
CA VAL B 192 -11.40 1.37 1.20
C VAL B 192 -10.26 0.35 1.08
N GLY B 193 -9.89 -0.27 2.19
CA GLY B 193 -8.95 -1.36 2.14
C GLY B 193 -9.31 -2.46 1.15
N LYS B 194 -10.59 -2.74 1.01
CA LYS B 194 -11.06 -3.79 0.08
C LYS B 194 -10.83 -3.40 -1.38
N PHE B 195 -11.02 -2.13 -1.68
CA PHE B 195 -10.72 -1.60 -3.01
C PHE B 195 -9.21 -1.58 -3.32
N ALA B 196 -8.38 -1.39 -2.30
CA ALA B 196 -6.94 -1.26 -2.49
C ALA B 196 -6.16 -2.57 -2.57
N PHE B 197 -6.77 -3.70 -2.22
CA PHE B 197 -6.05 -4.97 -2.17
C PHE B 197 -5.87 -5.69 -3.53
N PRO B 198 -6.90 -5.72 -4.40
CA PRO B 198 -6.71 -6.50 -5.61
C PRO B 198 -5.39 -6.28 -6.32
N ALA B 199 -4.92 -5.04 -6.37
CA ALA B 199 -3.63 -4.72 -7.03
C ALA B 199 -2.50 -5.47 -6.36
N VAL B 200 -2.60 -5.61 -5.03
CA VAL B 200 -1.56 -6.30 -4.23
C VAL B 200 -1.46 -7.75 -4.63
N GLN B 201 -2.61 -8.36 -4.89
CA GLN B 201 -2.64 -9.73 -5.35
C GLN B 201 -2.28 -9.87 -6.79
N ALA B 202 -2.60 -8.85 -7.58
CA ALA B 202 -2.25 -8.84 -9.01
C ALA B 202 -0.76 -8.77 -9.23
N ALA B 203 -0.09 -7.94 -8.44
CA ALA B 203 1.31 -7.55 -8.70
C ALA B 203 2.32 -8.68 -8.90
N PRO B 204 2.21 -9.77 -8.15
CA PRO B 204 3.21 -10.80 -8.33
C PRO B 204 3.09 -11.56 -9.65
N ALA B 205 1.96 -11.44 -10.34
CA ALA B 205 1.85 -12.08 -11.71
C ALA B 205 2.70 -11.38 -12.78
N PHE B 206 3.44 -10.32 -12.41
CA PHE B 206 4.41 -9.67 -13.31
C PHE B 206 5.82 -9.84 -12.77
N SER B 207 6.75 -10.18 -13.67
CA SER B 207 8.12 -10.50 -13.34
C SER B 207 8.88 -9.30 -12.79
N SER B 208 8.48 -8.11 -13.23
CA SER B 208 9.03 -6.89 -12.69
C SER B 208 8.98 -6.85 -11.15
N SER B 209 7.95 -7.44 -10.55
CA SER B 209 7.75 -7.41 -9.08
C SER B 209 8.72 -8.28 -8.29
N PHE B 210 9.64 -8.94 -9.00
CA PHE B 210 10.70 -9.72 -8.37
C PHE B 210 12.03 -9.41 -9.04
N PRO B 211 12.55 -8.20 -8.80
CA PRO B 211 13.84 -7.82 -9.40
C PRO B 211 15.00 -8.73 -8.99
N HIS B 212 14.97 -9.28 -7.77
CA HIS B 212 16.10 -10.08 -7.26
C HIS B 212 16.17 -11.52 -7.77
N ILE B 213 15.17 -11.96 -8.56
CA ILE B 213 15.33 -13.19 -9.35
C ILE B 213 15.36 -12.99 -10.87
N PHE B 214 14.49 -12.13 -11.39
CA PHE B 214 14.38 -11.94 -12.85
C PHE B 214 15.17 -10.74 -13.37
N GLY B 215 15.71 -9.94 -12.45
CA GLY B 215 16.67 -8.92 -12.81
C GLY B 215 16.11 -7.68 -13.46
N GLY B 216 14.82 -7.42 -13.27
CA GLY B 216 14.18 -6.26 -13.86
C GLY B 216 13.48 -6.60 -15.17
N ARG B 217 13.84 -7.72 -15.78
CA ARG B 217 13.17 -8.21 -16.97
C ARG B 217 11.65 -8.19 -16.84
N THR B 218 10.98 -7.87 -17.94
CA THR B 218 9.53 -7.81 -17.99
C THR B 218 8.98 -8.87 -18.91
N ASP B 219 9.86 -9.72 -19.44
CA ASP B 219 9.51 -10.66 -20.50
C ASP B 219 9.56 -12.13 -20.05
N ILE B 220 9.27 -12.37 -18.78
CA ILE B 220 9.21 -13.71 -18.19
C ILE B 220 7.77 -14.03 -17.88
N HIS B 221 7.22 -15.00 -18.61
CA HIS B 221 5.82 -15.34 -18.49
C HIS B 221 5.58 -15.93 -17.11
N CYS B 222 4.39 -15.66 -16.58
CA CYS B 222 3.98 -16.15 -15.29
C CYS B 222 2.78 -17.06 -15.44
N LEU B 223 2.77 -18.15 -14.68
CA LEU B 223 1.64 -19.08 -14.65
C LEU B 223 1.09 -19.20 -13.28
N VAL B 224 -0.22 -19.03 -13.17
CA VAL B 224 -0.89 -18.87 -11.89
C VAL B 224 -1.95 -19.95 -11.68
N PRO B 225 -1.59 -21.03 -10.98
CA PRO B 225 -2.52 -21.98 -10.39
C PRO B 225 -3.38 -21.38 -9.30
N HIS B 226 -4.69 -21.55 -9.40
CA HIS B 226 -5.59 -21.02 -8.37
C HIS B 226 -6.97 -21.67 -8.38
N ALA B 227 -7.62 -21.66 -7.23
CA ALA B 227 -9.02 -22.08 -7.13
C ALA B 227 -9.78 -21.14 -8.04
N ILE B 228 -10.81 -21.67 -8.71
CA ILE B 228 -11.55 -20.90 -9.72
C ILE B 228 -12.14 -19.60 -9.19
N ASP B 229 -12.39 -19.53 -7.88
CA ASP B 229 -12.96 -18.34 -7.28
C ASP B 229 -11.97 -17.18 -7.20
N GLN B 230 -10.69 -17.42 -7.45
CA GLN B 230 -9.69 -16.32 -7.42
C GLN B 230 -9.55 -15.66 -8.78
N ASP B 231 -10.19 -16.24 -9.79
CA ASP B 231 -10.14 -15.74 -11.16
C ASP B 231 -10.30 -14.23 -11.38
N PRO B 232 -11.19 -13.55 -10.62
CA PRO B 232 -11.39 -12.10 -10.75
C PRO B 232 -10.13 -11.25 -10.73
N TYR B 233 -9.24 -11.50 -9.78
CA TYR B 233 -7.98 -10.77 -9.67
C TYR B 233 -7.16 -10.89 -10.96
N PHE B 234 -7.19 -12.04 -11.59
CA PHE B 234 -6.31 -12.33 -12.73
C PHE B 234 -7.00 -12.07 -14.07
N ARG B 235 -8.32 -11.93 -14.03
CA ARG B 235 -9.05 -11.35 -15.14
C ARG B 235 -8.67 -9.88 -15.26
N MET B 236 -8.70 -9.18 -14.12
CA MET B 236 -8.32 -7.77 -14.03
C MET B 236 -6.88 -7.52 -14.50
N VAL B 237 -5.94 -8.27 -13.96
CA VAL B 237 -4.53 -8.05 -14.27
C VAL B 237 -4.21 -8.38 -15.74
N ARG B 238 -4.95 -9.30 -16.34
CA ARG B 238 -4.75 -9.59 -17.77
C ARG B 238 -5.22 -8.44 -18.66
N ASP B 239 -6.17 -7.67 -18.15
CA ASP B 239 -6.66 -6.50 -18.86
C ASP B 239 -5.71 -5.30 -18.75
N VAL B 240 -4.97 -5.17 -17.66
CA VAL B 240 -4.03 -4.03 -17.51
C VAL B 240 -2.64 -4.32 -18.07
N ALA B 241 -2.25 -5.61 -18.10
CA ALA B 241 -0.95 -6.02 -18.66
C ALA B 241 -0.49 -5.24 -19.90
N PRO B 242 -1.29 -5.25 -20.98
CA PRO B 242 -0.82 -4.58 -22.18
C PRO B 242 -0.62 -3.08 -21.99
N ARG B 243 -1.51 -2.43 -21.26
CA ARG B 243 -1.38 -0.98 -20.97
C ARG B 243 -0.12 -0.61 -20.14
N LEU B 244 0.52 -1.61 -19.53
CA LEU B 244 1.77 -1.40 -18.78
C LEU B 244 2.97 -1.96 -19.52
N GLY B 245 2.73 -2.47 -20.72
CA GLY B 245 3.76 -3.11 -21.54
C GLY B 245 4.30 -4.38 -20.90
N TYR B 246 3.43 -5.07 -20.17
CA TYR B 246 3.78 -6.29 -19.44
C TYR B 246 3.08 -7.47 -20.10
N LEU B 247 3.59 -8.68 -19.88
CA LEU B 247 2.93 -9.93 -20.33
C LEU B 247 1.70 -10.26 -19.50
N LYS B 248 0.67 -10.73 -20.18
CA LYS B 248 -0.52 -11.27 -19.54
C LYS B 248 -0.13 -12.58 -18.82
N PRO B 249 -0.46 -12.68 -17.53
CA PRO B 249 -0.17 -13.93 -16.85
C PRO B 249 -1.16 -15.00 -17.30
N SER B 250 -0.69 -16.25 -17.35
CA SER B 250 -1.55 -17.36 -17.66
C SER B 250 -2.11 -17.94 -16.37
N SER B 251 -3.26 -18.61 -16.49
CA SER B 251 -3.94 -19.19 -15.36
C SER B 251 -4.38 -20.63 -15.58
N ILE B 252 -4.46 -21.38 -14.47
CA ILE B 252 -4.94 -22.75 -14.51
C ILE B 252 -5.80 -22.94 -13.26
N HIS B 253 -7.06 -23.32 -13.47
CA HIS B 253 -8.08 -23.19 -12.41
C HIS B 253 -8.52 -24.52 -11.81
N SER B 254 -8.63 -24.57 -10.50
CA SER B 254 -9.19 -25.74 -9.84
C SER B 254 -10.59 -25.46 -9.33
N ILE B 255 -11.38 -26.51 -9.15
CA ILE B 255 -12.69 -26.38 -8.52
C ILE B 255 -12.51 -26.37 -6.99
N PHE B 256 -13.50 -25.84 -6.28
CA PHE B 256 -13.47 -25.86 -4.81
C PHE B 256 -13.37 -27.29 -4.26
N LEU B 257 -12.96 -27.42 -3.00
CA LEU B 257 -13.00 -28.70 -2.27
C LEU B 257 -14.06 -28.53 -1.18
N PRO B 258 -15.27 -29.08 -1.42
CA PRO B 258 -16.49 -28.69 -0.67
C PRO B 258 -16.43 -28.88 0.84
N SER B 259 -17.34 -28.22 1.56
CA SER B 259 -17.34 -28.23 3.03
C SER B 259 -17.94 -29.52 3.61
N ASN B 273 -17.46 -22.98 10.56
CA ASN B 273 -16.52 -23.23 11.64
C ASN B 273 -15.50 -24.33 11.27
N SER B 274 -15.73 -25.56 11.75
CA SER B 274 -14.74 -26.63 11.67
C SER B 274 -14.90 -27.56 10.46
N SER B 275 -13.87 -27.53 9.61
CA SER B 275 -13.58 -28.50 8.55
C SER B 275 -12.15 -29.04 8.76
N ILE B 276 -11.71 -29.91 7.87
CA ILE B 276 -10.50 -30.73 8.09
C ILE B 276 -9.21 -29.91 7.94
N PHE B 277 -8.46 -29.73 9.03
CA PHE B 277 -7.17 -29.03 8.95
C PHE B 277 -5.98 -29.99 8.83
N VAL B 278 -4.91 -29.54 8.20
CA VAL B 278 -3.73 -30.39 8.00
C VAL B 278 -3.03 -30.78 9.30
N ASN B 279 -3.28 -30.07 10.41
CA ASN B 279 -2.74 -30.45 11.71
C ASN B 279 -3.75 -31.18 12.62
N ASP B 280 -4.84 -31.69 12.03
CA ASP B 280 -5.81 -32.48 12.80
C ASP B 280 -5.28 -33.89 13.05
N ASN B 281 -5.46 -34.39 14.28
CA ASN B 281 -5.14 -35.79 14.60
C ASN B 281 -6.21 -36.74 14.05
N GLU B 282 -5.93 -38.04 14.13
CA GLU B 282 -6.81 -39.09 13.61
C GLU B 282 -8.23 -39.02 14.17
N GLU B 283 -8.34 -38.73 15.46
CA GLU B 283 -9.63 -38.65 16.12
C GLU B 283 -10.45 -37.44 15.64
N SER B 284 -9.81 -36.27 15.58
CA SER B 284 -10.44 -35.08 15.01
C SER B 284 -11.00 -35.34 13.63
N ILE B 285 -10.18 -35.95 12.78
CA ILE B 285 -10.57 -36.28 11.40
C ILE B 285 -11.80 -37.19 11.36
N ARG B 286 -11.74 -38.33 12.05
CA ARG B 286 -12.88 -39.25 12.10
C ARG B 286 -14.13 -38.55 12.60
N ASN B 287 -13.95 -37.78 13.66
CA ASN B 287 -15.05 -37.03 14.25
C ASN B 287 -15.78 -36.15 13.24
N LYS B 288 -15.01 -35.48 12.39
CA LYS B 288 -15.60 -34.50 11.47
C LYS B 288 -16.33 -35.13 10.28
N ILE B 289 -15.75 -36.14 9.64
CA ILE B 289 -16.45 -36.82 8.53
C ILE B 289 -17.77 -37.39 9.00
N MET B 290 -17.71 -38.13 10.11
CA MET B 290 -18.83 -38.91 10.59
C MET B 290 -20.03 -38.04 10.99
N LYS B 291 -19.74 -36.85 11.51
CA LYS B 291 -20.78 -35.94 12.01
C LYS B 291 -21.15 -34.86 10.99
N TYR B 292 -20.16 -34.26 10.34
CA TYR B 292 -20.37 -33.07 9.50
C TYR B 292 -20.33 -33.32 7.98
N ALA B 293 -19.89 -34.51 7.56
CA ALA B 293 -19.77 -34.82 6.13
C ALA B 293 -21.12 -35.29 5.57
N PHE B 294 -21.73 -34.45 4.74
CA PHE B 294 -23.03 -34.75 4.16
C PHE B 294 -22.99 -36.02 3.31
N SER B 295 -23.78 -37.02 3.70
CA SER B 295 -23.87 -38.30 2.98
C SER B 295 -24.88 -38.20 1.85
N GLY B 296 -24.66 -39.00 0.81
CA GLY B 296 -25.63 -39.16 -0.28
C GLY B 296 -26.38 -40.48 -0.21
N GLY B 297 -26.05 -41.30 0.78
CA GLY B 297 -26.73 -42.56 0.99
C GLY B 297 -28.10 -42.38 1.63
N GLN B 298 -28.91 -43.44 1.59
CA GLN B 298 -30.25 -43.39 2.17
C GLN B 298 -30.17 -43.36 3.69
N ALA B 299 -31.17 -42.75 4.32
CA ALA B 299 -31.20 -42.58 5.79
C ALA B 299 -30.88 -43.88 6.53
N THR B 300 -31.74 -44.88 6.36
CA THR B 300 -31.50 -46.23 6.85
C THR B 300 -30.87 -47.07 5.73
N GLU B 301 -30.60 -48.35 6.00
CA GLU B 301 -30.13 -49.27 4.95
C GLU B 301 -31.27 -49.72 4.03
N GLU B 302 -31.78 -48.75 3.28
CA GLU B 302 -32.56 -49.01 2.08
C GLU B 302 -31.57 -48.88 0.94
N GLU B 303 -30.61 -49.79 0.91
CA GLU B 303 -29.60 -49.84 -0.13
C GLU B 303 -29.45 -51.29 -0.61
N GLN B 304 -30.26 -51.65 -1.60
CA GLN B 304 -30.22 -52.97 -2.21
C GLN B 304 -29.21 -52.96 -3.36
N GLY B 308 -29.53 -47.33 -3.51
CA GLY B 308 -28.21 -46.77 -3.83
C GLY B 308 -27.96 -45.36 -3.28
N ALA B 309 -26.83 -44.77 -3.70
CA ALA B 309 -26.41 -43.46 -3.22
C ALA B 309 -26.16 -42.47 -4.35
N ASN B 310 -26.21 -41.17 -4.03
CA ASN B 310 -25.99 -40.07 -4.97
C ASN B 310 -24.59 -39.49 -4.84
N LEU B 311 -23.73 -39.80 -5.80
CA LEU B 311 -22.31 -39.43 -5.75
C LEU B 311 -22.05 -37.93 -5.93
N ASP B 312 -22.97 -37.22 -6.58
CA ASP B 312 -22.80 -35.78 -6.83
C ASP B 312 -22.94 -34.93 -5.56
N VAL B 313 -23.70 -35.44 -4.59
CA VAL B 313 -23.91 -34.74 -3.31
C VAL B 313 -23.04 -35.30 -2.16
N ASP B 314 -22.56 -36.53 -2.29
CA ASP B 314 -21.77 -37.17 -1.24
C ASP B 314 -20.38 -36.52 -1.09
N VAL B 315 -20.17 -35.87 0.04
CA VAL B 315 -18.97 -35.09 0.29
C VAL B 315 -17.76 -36.00 0.38
N SER B 316 -17.95 -37.18 0.98
CA SER B 316 -16.86 -38.13 1.17
C SER B 316 -16.35 -38.67 -0.15
N TRP B 317 -17.26 -38.99 -1.08
CA TRP B 317 -16.88 -39.43 -2.42
C TRP B 317 -16.06 -38.37 -3.16
N GLN B 318 -16.55 -37.14 -3.13
CA GLN B 318 -15.84 -36.04 -3.77
C GLN B 318 -14.46 -35.81 -3.15
N TYR B 319 -14.28 -36.11 -1.87
CA TYR B 319 -12.96 -35.96 -1.23
C TYR B 319 -11.98 -37.01 -1.76
N LEU B 320 -12.45 -38.25 -1.83
CA LEU B 320 -11.63 -39.35 -2.33
C LEU B 320 -11.13 -39.11 -3.74
N ARG B 321 -11.89 -38.36 -4.54
CA ARG B 321 -11.51 -38.04 -5.93
C ARG B 321 -10.24 -37.21 -5.99
N PHE B 322 -10.06 -36.34 -5.00
CA PHE B 322 -8.88 -35.51 -4.86
C PHE B 322 -7.71 -36.32 -4.32
N LEU B 323 -7.99 -37.23 -3.38
CA LEU B 323 -6.94 -37.92 -2.63
C LEU B 323 -6.44 -39.22 -3.27
N MET B 324 -7.34 -40.07 -3.72
CA MET B 324 -6.95 -41.42 -4.08
C MET B 324 -6.13 -41.48 -5.37
N GLU B 325 -4.84 -41.78 -5.23
CA GLU B 325 -3.94 -41.99 -6.38
C GLU B 325 -4.20 -43.29 -7.14
N ASP B 326 -5.01 -44.18 -6.58
CA ASP B 326 -5.35 -45.45 -7.23
C ASP B 326 -6.66 -45.30 -7.99
N ASP B 327 -6.60 -45.32 -9.33
CA ASP B 327 -7.79 -45.19 -10.18
C ASP B 327 -8.72 -46.38 -10.01
N GLU B 328 -8.16 -47.59 -10.11
CA GLU B 328 -8.96 -48.82 -10.10
C GLU B 328 -9.80 -48.94 -8.84
N LYS B 329 -9.24 -48.52 -7.71
CA LYS B 329 -10.00 -48.51 -6.46
C LYS B 329 -11.18 -47.56 -6.54
N LEU B 330 -10.91 -46.34 -7.01
CA LEU B 330 -11.91 -45.28 -7.06
C LEU B 330 -13.14 -45.66 -7.87
N GLU B 331 -12.95 -46.08 -9.11
CA GLU B 331 -14.08 -46.52 -9.95
C GLU B 331 -14.92 -47.58 -9.20
N GLU B 332 -14.25 -48.54 -8.58
CA GLU B 332 -14.94 -49.67 -7.95
C GLU B 332 -15.67 -49.25 -6.67
N ILE B 333 -15.06 -48.37 -5.89
CA ILE B 333 -15.74 -47.74 -4.75
C ILE B 333 -17.00 -47.02 -5.24
N GLY B 334 -16.83 -46.20 -6.27
CA GLY B 334 -17.92 -45.41 -6.86
C GLY B 334 -19.04 -46.28 -7.38
N LYS B 335 -18.68 -47.39 -8.02
CA LYS B 335 -19.65 -48.37 -8.53
C LYS B 335 -20.41 -49.06 -7.42
N LYS B 336 -19.66 -49.58 -6.44
CA LYS B 336 -20.26 -50.30 -5.31
C LYS B 336 -21.12 -49.38 -4.41
N TYR B 337 -20.64 -48.16 -4.14
CA TYR B 337 -21.40 -47.19 -3.32
C TYR B 337 -22.62 -46.65 -4.06
N SER B 338 -22.50 -46.55 -5.38
CA SER B 338 -23.64 -46.24 -6.25
C SER B 338 -24.72 -47.33 -6.21
N SER B 339 -24.30 -48.58 -6.36
CA SER B 339 -25.24 -49.70 -6.56
C SER B 339 -25.85 -50.21 -5.26
N GLY B 340 -25.31 -49.77 -4.12
CA GLY B 340 -25.84 -50.14 -2.81
C GLY B 340 -25.17 -51.34 -2.16
N GLU B 341 -24.02 -51.76 -2.67
CA GLU B 341 -23.23 -52.79 -1.98
C GLU B 341 -22.04 -52.17 -1.22
N MET B 342 -22.23 -50.92 -0.78
CA MET B 342 -21.34 -50.26 0.17
C MET B 342 -22.18 -49.20 0.88
N LEU B 343 -22.18 -49.23 2.21
CA LEU B 343 -22.93 -48.25 2.98
C LEU B 343 -22.13 -46.97 3.09
N SER B 344 -22.82 -45.88 3.40
CA SER B 344 -22.21 -44.59 3.72
C SER B 344 -21.12 -44.76 4.77
N GLY B 345 -21.37 -45.62 5.75
CA GLY B 345 -20.42 -45.90 6.81
C GLY B 345 -19.04 -46.31 6.33
N GLU B 346 -18.97 -47.18 5.33
CA GLU B 346 -17.69 -47.70 4.85
C GLU B 346 -16.94 -46.66 4.00
N ILE B 347 -17.66 -45.93 3.15
CA ILE B 347 -17.04 -44.91 2.31
C ILE B 347 -16.42 -43.80 3.15
N LYS B 348 -17.04 -43.50 4.29
CA LYS B 348 -16.53 -42.48 5.19
C LYS B 348 -15.27 -42.98 5.90
N SER B 349 -15.19 -44.28 6.15
CA SER B 349 -14.03 -44.85 6.84
C SER B 349 -12.81 -44.89 5.93
N ILE B 350 -13.02 -45.30 4.68
CA ILE B 350 -11.96 -45.31 3.66
C ILE B 350 -11.32 -43.93 3.50
N LEU B 351 -12.17 -42.90 3.40
CA LEU B 351 -11.72 -41.50 3.37
C LEU B 351 -10.92 -41.09 4.61
N VAL B 352 -11.41 -41.45 5.80
CA VAL B 352 -10.71 -41.13 7.06
C VAL B 352 -9.27 -41.66 7.03
N GLN B 353 -9.10 -42.92 6.60
CA GLN B 353 -7.78 -43.51 6.61
C GLN B 353 -6.89 -42.89 5.53
N GLU B 354 -7.49 -42.50 4.41
CA GLU B 354 -6.76 -41.71 3.40
C GLU B 354 -6.34 -40.34 3.95
N LEU B 355 -7.26 -39.67 4.62
CA LEU B 355 -6.96 -38.36 5.21
C LEU B 355 -5.87 -38.40 6.27
N VAL B 356 -5.77 -39.49 7.03
CA VAL B 356 -4.79 -39.56 8.11
C VAL B 356 -3.43 -39.98 7.58
N LYS B 357 -3.42 -40.82 6.56
CA LYS B 357 -2.20 -41.11 5.83
C LYS B 357 -1.64 -39.79 5.28
N LEU B 358 -2.49 -39.02 4.59
CA LEU B 358 -2.10 -37.70 4.08
C LEU B 358 -1.65 -36.73 5.17
N THR B 359 -2.43 -36.67 6.23
CA THR B 359 -2.20 -35.71 7.29
C THR B 359 -0.99 -36.08 8.17
N LYS B 360 -0.70 -37.37 8.29
CA LYS B 360 0.44 -37.86 9.04
C LYS B 360 1.74 -37.60 8.30
N ASN B 361 1.73 -37.85 6.99
CA ASN B 361 2.88 -37.58 6.13
C ASN B 361 3.21 -36.09 6.09
N HIS B 362 2.18 -35.25 6.06
CA HIS B 362 2.37 -33.81 6.14
C HIS B 362 2.87 -33.35 7.52
N GLN B 363 2.40 -34.00 8.58
CA GLN B 363 2.77 -33.59 9.93
C GLN B 363 4.22 -33.91 10.28
N LYS B 364 4.76 -35.03 9.78
CA LYS B 364 6.17 -35.35 9.98
C LYS B 364 7.07 -34.43 9.16
N ASN B 365 6.68 -34.15 7.92
CA ASN B 365 7.41 -33.20 7.08
C ASN B 365 7.47 -31.85 7.76
N ARG B 366 6.39 -31.49 8.43
CA ARG B 366 6.32 -30.21 9.15
C ARG B 366 7.25 -30.15 10.37
N GLU B 367 7.51 -31.30 11.01
CA GLU B 367 8.42 -31.31 12.15
C GLU B 367 9.85 -30.95 11.74
N ALA B 368 10.19 -31.18 10.47
CA ALA B 368 11.54 -30.88 9.96
C ALA B 368 11.72 -29.42 9.54
N ILE B 369 10.78 -28.56 9.92
CA ILE B 369 10.78 -27.16 9.47
C ILE B 369 11.03 -26.21 10.64
N ASN B 370 12.23 -25.63 10.64
CA ASN B 370 12.67 -24.70 11.68
C ASN B 370 12.97 -23.34 11.05
N ASP B 371 13.26 -22.34 11.88
CA ASP B 371 13.51 -20.97 11.41
C ASP B 371 14.64 -20.87 10.40
N ASP B 372 15.57 -21.82 10.44
CA ASP B 372 16.65 -21.86 9.46
C ASP B 372 16.18 -22.33 8.09
N VAL B 373 15.23 -23.25 8.07
CA VAL B 373 14.63 -23.73 6.81
C VAL B 373 13.73 -22.65 6.24
N ILE B 374 12.95 -22.02 7.11
CA ILE B 374 12.13 -20.90 6.72
C ILE B 374 13.00 -19.85 6.02
N ALA B 375 14.07 -19.43 6.70
CA ALA B 375 15.02 -18.44 6.19
C ALA B 375 15.50 -18.68 4.75
N LYS B 376 15.72 -19.94 4.39
CA LYS B 376 16.08 -20.27 3.00
C LYS B 376 14.97 -19.92 2.00
N PHE B 377 13.72 -20.11 2.43
CA PHE B 377 12.57 -19.84 1.57
C PHE B 377 12.25 -18.36 1.55
N THR B 378 12.44 -17.70 2.69
CA THR B 378 12.11 -16.30 2.83
C THR B 378 13.21 -15.39 2.30
N ASN B 379 14.41 -15.94 2.12
CA ASN B 379 15.53 -15.14 1.67
C ASN B 379 15.25 -14.50 0.35
N LYS B 380 15.28 -13.18 0.37
CA LYS B 380 14.83 -12.39 -0.73
C LYS B 380 15.75 -12.50 -1.95
N SER B 381 17.03 -12.79 -1.71
CA SER B 381 18.02 -12.80 -2.79
C SER B 381 18.27 -14.18 -3.38
N ARG B 382 18.40 -14.24 -4.70
CA ARG B 382 18.76 -15.47 -5.41
C ARG B 382 19.83 -15.21 -6.47
N GLU B 383 21.09 -15.45 -6.14
CA GLU B 383 22.14 -15.38 -7.17
C GLU B 383 21.82 -16.39 -8.31
N GLN B 384 21.21 -15.87 -9.38
CA GLN B 384 20.76 -16.68 -10.51
C GLN B 384 21.09 -15.99 -11.84
N LEU B 385 21.09 -16.79 -12.91
CA LEU B 385 21.31 -16.25 -14.24
C LEU B 385 20.04 -16.34 -15.10
N LEU B 386 19.17 -15.36 -14.89
CA LEU B 386 18.10 -14.97 -15.84
C LEU B 386 18.51 -13.67 -16.58
N LYS B 387 19.58 -13.04 -16.12
CA LYS B 387 20.18 -11.90 -16.80
C LYS B 387 21.66 -12.20 -17.08
#